data_3RB9
#
_entry.id   3RB9
#
_cell.length_a   71.903
_cell.length_b   233.247
_cell.length_c   124.301
_cell.angle_alpha   90.000
_cell.angle_beta   90.000
_cell.angle_gamma   90.000
#
_symmetry.space_group_name_H-M   'C 2 2 21'
#
_entity_poly.entity_id   1
_entity_poly.type   'polypeptide(L)'
_entity_poly.pdbx_seq_one_letter_code
;VGLTDLTFRLLRESFADAVSWVAKNLPARPAVPVLSGVLLTGSDNGLTISGFDYEVSAEAQVGAEIVSPGSVLVSGRLLS
DITRALPNKPVDVHVEGNRVALTCGNARFSLPTMPVEDYPTLPTLPEETGLLPAELFAEAISQVAIAAGRDDTLPMLTGI
RVEILGETVVLAATDRFRLAVRELKWSASSPDIEAAVLVPAKTLAEAAKAGIGGSDVRLSLGTGPGVGKDGLLGISGNGK
RSTTRLLDAEFPKFRQLLPTEHTAVATMDVAELIEAIKLVALVADRGAQVRMEFADGSVRLSAGADDVGRAEEDLVVDYA
GEPLTIAFNPTYLTDGLSSLRSERVSFGFTTAGKPALLRPVSGDDRPVAGLNGNGPFPAVSTDYVYLLMPVRLPG
;
_entity_poly.pdbx_strand_id   A,B
#
# COMPACT_ATOMS: atom_id res chain seq x y z
N VAL A 1 -39.29 13.96 -10.23
CA VAL A 1 -40.59 13.36 -9.94
C VAL A 1 -40.72 12.98 -8.45
N GLY A 2 -41.96 13.00 -7.96
CA GLY A 2 -42.24 12.72 -6.56
C GLY A 2 -43.21 13.72 -5.94
N LEU A 3 -43.17 14.97 -6.43
CA LEU A 3 -44.02 16.10 -5.97
C LEU A 3 -43.22 17.15 -5.17
N THR A 4 -42.48 16.71 -4.16
CA THR A 4 -41.61 17.59 -3.36
C THR A 4 -40.13 17.27 -3.62
N ASP A 5 -39.21 18.09 -3.09
CA ASP A 5 -37.81 17.67 -3.19
C ASP A 5 -37.11 17.29 -1.87
N LEU A 6 -36.38 16.17 -1.91
CA LEU A 6 -35.70 15.60 -0.74
C LEU A 6 -34.82 16.64 -0.04
N THR A 7 -34.84 16.62 1.29
CA THR A 7 -33.86 17.41 2.04
C THR A 7 -33.67 16.87 3.45
N PHE A 8 -32.42 16.79 3.94
CA PHE A 8 -32.16 16.16 5.24
C PHE A 8 -30.87 16.60 5.95
N ARG A 9 -30.68 16.05 7.15
CA ARG A 9 -29.53 16.38 7.96
C ARG A 9 -28.99 15.14 8.66
N LEU A 10 -27.83 14.68 8.19
CA LEU A 10 -27.23 13.45 8.66
C LEU A 10 -25.91 13.79 9.34
N LEU A 11 -25.40 12.88 10.16
CA LEU A 11 -24.25 13.22 11.00
C LEU A 11 -22.86 13.12 10.35
N ARG A 12 -22.82 12.75 9.07
CA ARG A 12 -21.55 12.55 8.32
C ARG A 12 -20.79 11.27 8.67
N GLU A 13 -20.38 11.15 9.92
CA GLU A 13 -19.88 9.86 10.41
C GLU A 13 -20.77 8.73 9.89
N SER A 14 -22.08 8.89 10.10
CA SER A 14 -23.09 7.92 9.72
C SER A 14 -23.42 7.94 8.22
N PHE A 15 -23.37 9.11 7.62
CA PHE A 15 -23.64 9.25 6.20
C PHE A 15 -22.52 8.59 5.37
N ALA A 16 -21.29 8.74 5.85
CA ALA A 16 -20.11 8.27 5.12
C ALA A 16 -20.05 6.76 5.14
N ASP A 17 -20.27 6.16 6.31
CA ASP A 17 -20.36 4.72 6.40
C ASP A 17 -21.42 4.20 5.42
N ALA A 18 -22.69 4.48 5.71
CA ALA A 18 -23.77 4.02 4.86
C ALA A 18 -23.44 4.10 3.37
N VAL A 19 -22.83 5.18 2.92
CA VAL A 19 -22.52 5.35 1.50
C VAL A 19 -21.43 4.38 1.01
N SER A 20 -20.37 4.20 1.78
CA SER A 20 -19.26 3.34 1.33
C SER A 20 -19.70 1.86 1.25
N TRP A 21 -20.42 1.39 2.26
CA TRP A 21 -20.97 0.04 2.22
C TRP A 21 -21.74 -0.23 0.90
N VAL A 22 -22.38 0.78 0.36
CA VAL A 22 -23.14 0.58 -0.88
C VAL A 22 -22.25 0.59 -2.14
N ALA A 23 -21.14 1.34 -2.12
CA ALA A 23 -20.24 1.38 -3.26
C ALA A 23 -19.16 0.26 -3.25
N LYS A 24 -18.86 -0.29 -2.07
CA LYS A 24 -18.03 -1.51 -1.94
C LYS A 24 -18.58 -2.74 -2.69
N ASN A 25 -19.91 -2.82 -2.83
CA ASN A 25 -20.53 -3.75 -3.78
C ASN A 25 -20.69 -3.05 -5.12
N LEU A 26 -21.20 -3.75 -6.13
CA LEU A 26 -21.42 -3.16 -7.46
C LEU A 26 -20.35 -2.17 -7.97
N PRO A 27 -19.07 -2.55 -7.87
CA PRO A 27 -18.08 -1.55 -8.24
C PRO A 27 -18.00 -1.39 -9.76
N ALA A 28 -16.77 -1.50 -10.26
CA ALA A 28 -16.47 -1.55 -11.67
C ALA A 28 -17.13 -0.44 -12.46
N ARG A 29 -17.13 -0.59 -13.77
CA ARG A 29 -17.84 0.30 -14.65
C ARG A 29 -19.14 -0.40 -15.01
N PRO A 30 -20.27 0.00 -14.38
CA PRO A 30 -21.51 -0.69 -14.69
C PRO A 30 -21.88 -0.57 -16.16
N ALA A 31 -22.61 -1.57 -16.66
CA ALA A 31 -22.88 -1.79 -18.09
C ALA A 31 -23.75 -0.70 -18.67
N VAL A 32 -24.86 -0.46 -17.99
CA VAL A 32 -25.73 0.68 -18.31
C VAL A 32 -25.36 1.86 -17.40
N PRO A 33 -25.19 3.07 -18.01
CA PRO A 33 -24.56 4.21 -17.33
C PRO A 33 -25.27 4.59 -16.04
N VAL A 34 -26.59 4.51 -16.07
CA VAL A 34 -27.42 4.85 -14.92
C VAL A 34 -26.99 4.14 -13.63
N LEU A 35 -26.48 2.91 -13.76
CA LEU A 35 -26.28 2.01 -12.62
C LEU A 35 -25.15 2.44 -11.73
N SER A 36 -24.44 3.49 -12.19
CA SER A 36 -23.32 4.12 -11.49
C SER A 36 -23.79 5.15 -10.47
N GLY A 37 -25.10 5.42 -10.44
CA GLY A 37 -25.66 6.27 -9.43
C GLY A 37 -25.99 5.47 -8.19
N VAL A 38 -26.07 6.14 -7.04
CA VAL A 38 -26.76 5.55 -5.91
C VAL A 38 -28.08 6.28 -5.73
N LEU A 39 -28.94 5.69 -4.91
CA LEU A 39 -30.26 6.22 -4.73
C LEU A 39 -30.49 6.54 -3.27
N LEU A 40 -30.67 7.84 -3.02
CA LEU A 40 -31.01 8.32 -1.69
C LEU A 40 -32.52 8.50 -1.67
N THR A 41 -33.15 8.05 -0.57
CA THR A 41 -34.61 8.16 -0.34
C THR A 41 -34.95 8.50 1.13
N GLY A 42 -35.56 9.68 1.30
CA GLY A 42 -36.04 10.13 2.59
C GLY A 42 -37.51 9.79 2.77
N SER A 43 -37.87 9.41 3.99
CA SER A 43 -39.23 9.01 4.31
C SER A 43 -39.32 8.87 5.83
N ASP A 44 -40.35 8.18 6.32
CA ASP A 44 -40.50 7.92 7.76
C ASP A 44 -39.68 8.89 8.63
N ASN A 45 -38.61 8.38 9.22
CA ASN A 45 -37.61 9.17 9.93
C ASN A 45 -36.21 8.59 9.67
N GLY A 46 -36.03 8.05 8.46
CA GLY A 46 -34.77 7.45 8.05
C GLY A 46 -34.47 7.63 6.57
N LEU A 47 -33.18 7.63 6.27
CA LEU A 47 -32.71 7.71 4.90
C LEU A 47 -32.15 6.33 4.47
N THR A 48 -32.44 5.93 3.24
CA THR A 48 -31.85 4.70 2.68
C THR A 48 -31.09 4.91 1.36
N ILE A 49 -29.78 4.66 1.39
CA ILE A 49 -28.97 4.59 0.18
C ILE A 49 -29.07 3.17 -0.45
N SER A 50 -29.17 3.12 -1.77
CA SER A 50 -29.40 1.86 -2.51
C SER A 50 -28.54 1.78 -3.75
N GLY A 51 -27.91 0.64 -3.97
CA GLY A 51 -27.14 0.43 -5.17
C GLY A 51 -27.55 -0.86 -5.84
N PHE A 52 -27.32 -0.96 -7.14
CA PHE A 52 -27.75 -2.12 -7.89
C PHE A 52 -27.01 -2.28 -9.21
N ASP A 53 -26.42 -3.46 -9.45
CA ASP A 53 -25.73 -3.73 -10.71
C ASP A 53 -26.23 -4.93 -11.51
N TYR A 54 -27.41 -5.45 -11.12
CA TYR A 54 -28.09 -6.58 -11.78
C TYR A 54 -27.73 -7.96 -11.17
N GLU A 55 -26.48 -8.08 -10.71
CA GLU A 55 -26.03 -9.22 -9.93
C GLU A 55 -26.25 -8.93 -8.44
N VAL A 56 -25.42 -8.07 -7.86
CA VAL A 56 -25.61 -7.66 -6.47
C VAL A 56 -26.48 -6.41 -6.33
N SER A 57 -26.89 -6.16 -5.10
CA SER A 57 -27.68 -4.99 -4.76
C SER A 57 -27.58 -4.80 -3.26
N ALA A 58 -26.97 -3.69 -2.86
CA ALA A 58 -26.87 -3.34 -1.46
C ALA A 58 -27.83 -2.20 -1.15
N GLU A 59 -27.95 -1.90 0.14
CA GLU A 59 -28.94 -0.96 0.64
C GLU A 59 -28.65 -0.76 2.12
N ALA A 60 -28.28 0.46 2.50
CA ALA A 60 -28.10 0.75 3.92
C ALA A 60 -29.17 1.72 4.37
N GLN A 61 -29.50 1.66 5.65
CA GLN A 61 -30.48 2.55 6.25
C GLN A 61 -29.89 3.23 7.48
N VAL A 62 -29.78 4.55 7.40
CA VAL A 62 -29.23 5.32 8.51
C VAL A 62 -30.30 6.28 9.05
N GLY A 63 -30.20 6.57 10.35
CA GLY A 63 -31.11 7.48 11.02
C GLY A 63 -30.74 8.93 10.77
N ALA A 64 -31.61 9.61 10.03
CA ALA A 64 -31.36 10.99 9.62
C ALA A 64 -32.62 11.84 9.72
N GLU A 65 -32.49 13.02 10.33
CA GLU A 65 -33.59 13.98 10.37
C GLU A 65 -33.92 14.42 8.95
N ILE A 66 -34.92 13.82 8.35
CA ILE A 66 -35.37 14.28 7.05
C ILE A 66 -36.36 15.40 7.33
N VAL A 67 -36.16 16.56 6.71
CA VAL A 67 -37.09 17.67 6.86
C VAL A 67 -37.92 17.83 5.60
N SER A 68 -37.83 16.85 4.72
CA SER A 68 -38.67 16.81 3.52
C SER A 68 -38.38 15.52 2.74
N PRO A 69 -39.42 14.69 2.56
CA PRO A 69 -39.27 13.45 1.81
C PRO A 69 -39.09 13.67 0.31
N GLY A 70 -38.42 12.69 -0.31
CA GLY A 70 -38.26 12.60 -1.74
C GLY A 70 -37.14 11.61 -2.03
N SER A 71 -36.83 11.46 -3.30
CA SER A 71 -35.68 10.64 -3.67
C SER A 71 -34.90 11.25 -4.85
N VAL A 72 -33.60 11.01 -4.86
CA VAL A 72 -32.74 11.48 -5.94
C VAL A 72 -31.57 10.53 -6.24
N LEU A 73 -31.19 10.54 -7.52
CA LEU A 73 -30.09 9.71 -7.98
C LEU A 73 -28.86 10.59 -8.21
N VAL A 74 -27.75 10.23 -7.57
CA VAL A 74 -26.51 10.98 -7.75
C VAL A 74 -25.32 10.05 -7.90
N SER A 75 -24.41 10.39 -8.82
CA SER A 75 -23.20 9.59 -9.04
C SER A 75 -22.58 9.03 -7.76
N GLY A 76 -22.36 7.72 -7.75
CA GLY A 76 -22.02 6.98 -6.56
C GLY A 76 -20.59 7.11 -6.08
N ARG A 77 -19.63 7.16 -6.99
CA ARG A 77 -18.25 7.23 -6.55
C ARG A 77 -17.99 8.62 -5.99
N LEU A 78 -18.49 9.64 -6.70
CA LEU A 78 -18.32 11.03 -6.30
C LEU A 78 -18.89 11.25 -4.90
N LEU A 79 -20.05 10.65 -4.63
CA LEU A 79 -20.67 10.81 -3.32
C LEU A 79 -19.79 10.19 -2.25
N SER A 80 -19.26 9.00 -2.55
CA SER A 80 -18.33 8.29 -1.65
C SER A 80 -17.00 9.02 -1.41
N ASP A 81 -16.42 9.60 -2.46
CA ASP A 81 -15.21 10.41 -2.30
C ASP A 81 -15.47 11.65 -1.42
N ILE A 82 -16.56 12.37 -1.71
CA ILE A 82 -16.92 13.57 -0.96
C ILE A 82 -17.27 13.25 0.49
N THR A 83 -18.10 12.24 0.69
CA THR A 83 -18.53 11.85 2.04
C THR A 83 -17.37 11.48 2.98
N ARG A 84 -16.29 10.97 2.40
CA ARG A 84 -15.13 10.55 3.16
C ARG A 84 -14.14 11.72 3.38
N ALA A 85 -14.18 12.71 2.49
CA ALA A 85 -13.25 13.82 2.59
C ALA A 85 -13.79 15.00 3.42
N LEU A 86 -15.04 14.91 3.85
CA LEU A 86 -15.70 16.01 4.59
C LEU A 86 -15.29 16.02 6.06
N PRO A 87 -15.41 17.19 6.71
CA PRO A 87 -15.01 17.39 8.11
C PRO A 87 -15.57 16.33 9.07
N ASN A 88 -16.24 16.77 10.14
CA ASN A 88 -17.00 15.85 10.99
C ASN A 88 -18.27 16.57 11.46
N LYS A 89 -18.46 17.76 10.90
CA LYS A 89 -19.68 18.54 11.12
C LYS A 89 -20.90 17.78 10.55
N PRO A 90 -22.12 18.13 10.98
CA PRO A 90 -23.33 17.62 10.34
C PRO A 90 -23.45 18.06 8.88
N VAL A 91 -23.90 17.17 8.01
CA VAL A 91 -24.00 17.48 6.59
C VAL A 91 -25.44 17.77 6.12
N ASP A 92 -25.61 18.86 5.39
CA ASP A 92 -26.93 19.29 4.94
C ASP A 92 -27.17 19.03 3.47
N VAL A 93 -27.83 17.92 3.18
CA VAL A 93 -28.22 17.66 1.80
C VAL A 93 -29.53 18.35 1.52
N HIS A 94 -29.69 18.81 0.29
CA HIS A 94 -30.88 19.52 -0.05
C HIS A 94 -31.07 19.56 -1.56
N VAL A 95 -32.05 18.84 -2.08
CA VAL A 95 -32.26 18.90 -3.52
C VAL A 95 -32.86 20.22 -3.97
N GLU A 96 -32.07 20.98 -4.73
CA GLU A 96 -32.55 22.18 -5.40
C GLU A 96 -32.98 21.79 -6.82
N GLY A 97 -33.71 20.68 -6.90
CA GLY A 97 -34.27 20.17 -8.14
C GLY A 97 -33.33 20.21 -9.34
N ASN A 98 -32.84 19.03 -9.74
CA ASN A 98 -31.85 18.92 -10.81
C ASN A 98 -30.38 18.98 -10.32
N ARG A 99 -30.19 19.50 -9.11
CA ARG A 99 -28.88 19.55 -8.48
C ARG A 99 -29.01 19.23 -7.00
N VAL A 100 -28.01 18.58 -6.45
CA VAL A 100 -28.00 18.35 -5.01
C VAL A 100 -27.06 19.31 -4.33
N ALA A 101 -27.58 20.05 -3.38
CA ALA A 101 -26.76 21.00 -2.65
C ALA A 101 -26.32 20.30 -1.41
N LEU A 102 -25.02 20.04 -1.32
CA LEU A 102 -24.45 19.37 -0.17
C LEU A 102 -23.60 20.37 0.65
N THR A 103 -23.81 20.38 1.97
CA THR A 103 -23.22 21.41 2.80
C THR A 103 -22.76 20.83 4.12
N CYS A 104 -21.52 21.11 4.49
CA CYS A 104 -20.96 20.60 5.72
C CYS A 104 -19.89 21.57 6.22
N GLY A 105 -20.27 22.41 7.18
CA GLY A 105 -19.44 23.52 7.56
C GLY A 105 -19.43 24.57 6.46
N ASN A 106 -18.23 25.11 6.18
CA ASN A 106 -18.08 26.12 5.14
C ASN A 106 -17.71 25.48 3.79
N ALA A 107 -17.89 24.17 3.72
CA ALA A 107 -17.79 23.42 2.46
C ALA A 107 -19.17 23.32 1.81
N ARG A 108 -19.24 23.63 0.52
CA ARG A 108 -20.50 23.67 -0.19
C ARG A 108 -20.27 22.93 -1.50
N PHE A 109 -21.16 22.00 -1.85
CA PHE A 109 -21.07 21.23 -3.10
C PHE A 109 -22.36 21.30 -3.93
N SER A 110 -22.22 21.31 -5.25
CA SER A 110 -23.37 21.33 -6.15
C SER A 110 -23.22 20.23 -7.17
N LEU A 111 -23.60 19.01 -6.78
CA LEU A 111 -23.55 17.83 -7.64
C LEU A 111 -24.72 17.78 -8.61
N PRO A 112 -24.47 17.30 -9.83
CA PRO A 112 -25.57 17.14 -10.80
C PRO A 112 -26.49 16.00 -10.34
N THR A 113 -27.51 15.72 -11.12
CA THR A 113 -28.50 14.78 -10.67
C THR A 113 -28.76 13.84 -11.81
N MET A 114 -28.99 12.57 -11.48
CA MET A 114 -29.40 11.58 -12.48
C MET A 114 -30.91 11.34 -12.40
N PRO A 115 -31.51 10.98 -13.56
CA PRO A 115 -32.95 10.71 -13.70
C PRO A 115 -33.36 9.53 -12.84
N VAL A 116 -34.05 9.79 -11.74
CA VAL A 116 -34.36 8.74 -10.78
C VAL A 116 -35.46 7.79 -11.29
N GLU A 117 -35.87 7.98 -12.55
CA GLU A 117 -36.88 7.10 -13.15
C GLU A 117 -36.32 6.17 -14.22
N ASP A 118 -35.00 6.03 -14.28
CA ASP A 118 -34.39 5.02 -15.12
C ASP A 118 -33.75 3.98 -14.21
N TYR A 119 -33.88 4.21 -12.91
CA TYR A 119 -33.33 3.27 -11.92
C TYR A 119 -34.32 2.11 -11.71
N PRO A 120 -33.85 0.86 -11.92
CA PRO A 120 -34.72 -0.26 -12.24
C PRO A 120 -35.21 -1.09 -11.05
N THR A 121 -35.58 -0.43 -9.95
CA THR A 121 -36.21 -1.13 -8.80
C THR A 121 -35.41 -2.34 -8.33
N LEU A 122 -34.61 -2.12 -7.30
CA LEU A 122 -33.73 -3.16 -6.79
C LEU A 122 -34.57 -4.29 -6.13
N PRO A 123 -34.05 -5.54 -6.19
CA PRO A 123 -34.83 -6.74 -5.86
C PRO A 123 -35.40 -6.71 -4.45
N THR A 124 -36.32 -7.64 -4.21
CA THR A 124 -37.23 -7.55 -3.07
C THR A 124 -36.73 -8.17 -1.77
N LEU A 125 -36.14 -9.37 -1.87
CA LEU A 125 -35.48 -10.03 -0.73
C LEU A 125 -36.33 -11.15 -0.17
N PRO A 126 -35.92 -12.41 -0.42
CA PRO A 126 -36.76 -13.55 -0.04
C PRO A 126 -36.94 -13.64 1.47
N GLU A 127 -37.77 -14.60 1.89
CA GLU A 127 -38.16 -14.68 3.27
C GLU A 127 -37.05 -15.28 4.12
N GLU A 128 -36.88 -14.76 5.33
CA GLU A 128 -35.84 -15.23 6.23
C GLU A 128 -35.74 -16.77 6.31
N THR A 129 -34.51 -17.28 6.32
CA THR A 129 -34.27 -18.72 6.35
C THR A 129 -33.50 -19.13 7.59
N GLY A 130 -32.85 -18.19 8.25
CA GLY A 130 -32.20 -18.48 9.51
C GLY A 130 -31.26 -17.35 9.87
N LEU A 131 -30.55 -17.50 10.99
CA LEU A 131 -29.61 -16.48 11.42
C LEU A 131 -28.47 -17.06 12.23
N LEU A 132 -27.33 -16.35 12.27
CA LEU A 132 -26.18 -16.74 13.07
C LEU A 132 -25.33 -15.53 13.42
N PRO A 133 -24.55 -15.61 14.50
CA PRO A 133 -23.71 -14.50 14.96
C PRO A 133 -22.86 -13.96 13.83
N ALA A 134 -22.65 -12.64 13.82
CA ALA A 134 -21.99 -11.98 12.70
C ALA A 134 -20.50 -12.25 12.64
N GLU A 135 -19.84 -12.24 13.80
CA GLU A 135 -18.41 -12.48 13.91
C GLU A 135 -18.02 -13.91 13.54
N LEU A 136 -18.96 -14.84 13.75
CA LEU A 136 -18.71 -16.24 13.44
C LEU A 136 -18.93 -16.48 11.94
N PHE A 137 -19.83 -15.71 11.35
CA PHE A 137 -20.13 -15.83 9.94
C PHE A 137 -18.95 -15.27 9.15
N ALA A 138 -18.32 -14.24 9.69
CA ALA A 138 -17.18 -13.61 9.04
C ALA A 138 -16.04 -14.62 9.06
N GLU A 139 -15.64 -15.04 10.25
CA GLU A 139 -14.59 -16.04 10.38
C GLU A 139 -14.81 -17.23 9.42
N ALA A 140 -16.02 -17.76 9.40
CA ALA A 140 -16.33 -18.92 8.56
C ALA A 140 -16.26 -18.62 7.08
N ILE A 141 -16.52 -17.38 6.69
CA ILE A 141 -16.51 -17.06 5.26
C ILE A 141 -15.08 -16.84 4.76
N SER A 142 -14.23 -16.30 5.63
CA SER A 142 -12.83 -16.11 5.23
C SER A 142 -12.12 -17.46 5.10
N GLN A 143 -12.31 -18.33 6.09
CA GLN A 143 -11.69 -19.63 6.07
C GLN A 143 -12.00 -20.39 4.79
N VAL A 144 -13.21 -20.25 4.28
CA VAL A 144 -13.59 -21.05 3.13
C VAL A 144 -13.31 -20.36 1.82
N ALA A 145 -13.24 -19.03 1.85
CA ALA A 145 -13.13 -18.25 0.63
C ALA A 145 -11.77 -18.31 -0.05
N ILE A 146 -10.69 -18.42 0.73
CA ILE A 146 -9.35 -18.59 0.13
C ILE A 146 -9.32 -19.64 -0.96
N ALA A 147 -9.91 -20.81 -0.69
CA ALA A 147 -9.88 -21.92 -1.63
C ALA A 147 -10.77 -21.76 -2.88
N ALA A 148 -11.49 -20.64 -2.98
CA ALA A 148 -12.33 -20.41 -4.14
C ALA A 148 -11.54 -19.90 -5.34
N GLY A 149 -11.88 -20.45 -6.52
CA GLY A 149 -11.25 -20.06 -7.77
C GLY A 149 -11.51 -18.60 -8.10
N ARG A 150 -10.46 -17.82 -8.33
CA ARG A 150 -10.60 -16.40 -8.63
C ARG A 150 -10.73 -16.13 -10.16
N ASP A 151 -10.68 -17.19 -10.95
CA ASP A 151 -10.65 -17.09 -12.41
C ASP A 151 -12.05 -17.08 -13.03
N ASP A 152 -12.30 -16.12 -13.90
CA ASP A 152 -13.65 -15.96 -14.47
C ASP A 152 -13.92 -16.77 -15.74
N THR A 153 -12.87 -17.23 -16.41
CA THR A 153 -13.06 -18.08 -17.59
C THR A 153 -13.96 -19.26 -17.22
N LEU A 154 -13.95 -19.62 -15.94
CA LEU A 154 -14.80 -20.69 -15.45
C LEU A 154 -15.44 -20.39 -14.09
N PRO A 155 -16.75 -20.12 -14.09
CA PRO A 155 -17.50 -20.14 -12.82
C PRO A 155 -17.71 -21.56 -12.32
N MET A 156 -18.46 -21.67 -11.23
CA MET A 156 -18.58 -22.92 -10.46
C MET A 156 -17.50 -22.94 -9.39
N LEU A 157 -16.25 -22.77 -9.82
CA LEU A 157 -15.11 -22.75 -8.91
C LEU A 157 -15.13 -21.41 -8.19
N THR A 158 -15.82 -20.45 -8.80
CA THR A 158 -15.90 -19.08 -8.31
C THR A 158 -16.92 -18.89 -7.17
N GLY A 159 -17.74 -19.91 -6.91
CA GLY A 159 -18.70 -19.86 -5.83
C GLY A 159 -18.31 -20.56 -4.53
N ILE A 160 -18.93 -20.11 -3.44
CA ILE A 160 -18.98 -20.87 -2.20
C ILE A 160 -20.28 -21.69 -2.19
N ARG A 161 -20.16 -22.97 -1.85
CA ARG A 161 -21.30 -23.88 -1.74
C ARG A 161 -21.86 -23.77 -0.33
N VAL A 162 -23.10 -23.31 -0.27
CA VAL A 162 -23.80 -23.23 0.99
C VAL A 162 -24.84 -24.32 1.04
N GLU A 163 -24.66 -25.25 1.99
CA GLU A 163 -25.57 -26.38 2.19
C GLU A 163 -26.19 -26.27 3.56
N ILE A 164 -27.52 -26.25 3.59
CA ILE A 164 -28.25 -26.19 4.85
C ILE A 164 -28.90 -27.53 5.13
N LEU A 165 -28.57 -28.08 6.30
CA LEU A 165 -29.22 -29.28 6.82
C LEU A 165 -29.79 -28.87 8.17
N GLY A 166 -30.89 -28.13 8.12
CA GLY A 166 -31.48 -27.46 9.27
C GLY A 166 -30.70 -27.61 10.56
N GLU A 167 -30.29 -26.49 11.15
CA GLU A 167 -29.56 -26.52 12.42
C GLU A 167 -28.02 -26.53 12.20
N THR A 168 -27.56 -27.31 11.23
CA THR A 168 -26.17 -27.20 10.77
C THR A 168 -26.12 -26.68 9.33
N VAL A 169 -25.18 -25.77 9.07
CA VAL A 169 -24.87 -25.36 7.71
C VAL A 169 -23.41 -25.72 7.41
N VAL A 170 -23.13 -26.09 6.16
CA VAL A 170 -21.73 -26.28 5.74
C VAL A 170 -21.35 -25.48 4.50
N LEU A 171 -20.21 -24.82 4.62
CA LEU A 171 -19.63 -24.00 3.58
C LEU A 171 -18.48 -24.76 2.97
N ALA A 172 -18.42 -24.73 1.63
CA ALA A 172 -17.32 -25.35 0.92
C ALA A 172 -16.93 -24.55 -0.33
N ALA A 173 -15.65 -24.24 -0.49
CA ALA A 173 -15.18 -23.72 -1.78
C ALA A 173 -13.90 -24.42 -2.28
N THR A 174 -13.72 -24.40 -3.60
CA THR A 174 -12.65 -25.17 -4.22
C THR A 174 -12.21 -24.54 -5.54
N ASP A 175 -10.90 -24.46 -5.75
CA ASP A 175 -10.34 -24.01 -7.02
C ASP A 175 -9.78 -25.17 -7.85
N ARG A 176 -10.01 -26.40 -7.37
CA ARG A 176 -9.53 -27.64 -7.99
C ARG A 176 -8.18 -28.17 -7.42
N PHE A 177 -7.51 -27.36 -6.60
CA PHE A 177 -6.24 -27.72 -5.96
C PHE A 177 -6.40 -27.70 -4.44
N ARG A 178 -7.37 -26.91 -3.98
CA ARG A 178 -7.68 -26.85 -2.57
C ARG A 178 -9.18 -27.06 -2.39
N LEU A 179 -9.54 -27.63 -1.25
CA LEU A 179 -10.91 -27.65 -0.79
C LEU A 179 -10.91 -27.14 0.64
N ALA A 180 -11.74 -26.13 0.90
CA ALA A 180 -11.95 -25.66 2.26
C ALA A 180 -13.39 -25.98 2.64
N VAL A 181 -13.56 -26.67 3.77
CA VAL A 181 -14.90 -26.98 4.28
C VAL A 181 -15.08 -26.50 5.71
N ARG A 182 -16.17 -25.76 5.94
CA ARG A 182 -16.52 -25.24 7.26
C ARG A 182 -17.92 -25.70 7.67
N GLU A 183 -18.02 -26.19 8.90
CA GLU A 183 -19.25 -26.73 9.46
C GLU A 183 -19.72 -25.83 10.59
N LEU A 184 -21.02 -25.57 10.61
CA LEU A 184 -21.58 -24.46 11.38
C LEU A 184 -22.91 -24.78 12.03
N LYS A 185 -23.15 -24.19 13.20
CA LYS A 185 -24.46 -24.27 13.85
C LYS A 185 -25.24 -22.92 13.90
N TRP A 186 -26.36 -22.85 13.19
CA TRP A 186 -27.17 -21.65 13.20
C TRP A 186 -28.60 -21.92 13.74
N SER A 187 -29.35 -20.85 14.02
CA SER A 187 -30.76 -20.95 14.42
C SER A 187 -31.72 -20.85 13.22
N ALA A 188 -32.14 -22.00 12.72
CA ALA A 188 -32.99 -22.06 11.52
C ALA A 188 -34.41 -21.53 11.74
N SER A 189 -35.15 -21.39 10.63
CA SER A 189 -36.53 -20.91 10.65
C SER A 189 -37.41 -21.95 9.96
N SER A 190 -37.63 -23.05 10.68
CA SER A 190 -38.12 -24.32 10.15
C SER A 190 -36.99 -25.34 10.37
N PRO A 191 -37.02 -26.04 11.52
CA PRO A 191 -35.94 -26.99 11.87
C PRO A 191 -35.83 -28.22 10.96
N ASP A 192 -36.59 -28.25 9.87
CA ASP A 192 -36.49 -29.35 8.90
C ASP A 192 -36.08 -28.81 7.55
N ILE A 193 -35.33 -27.71 7.57
CA ILE A 193 -34.94 -26.99 6.37
C ILE A 193 -33.69 -27.64 5.74
N GLU A 194 -33.71 -27.74 4.40
CA GLU A 194 -32.78 -28.65 3.75
C GLU A 194 -32.61 -28.42 2.24
N ALA A 195 -31.70 -27.51 1.90
CA ALA A 195 -31.31 -27.26 0.52
C ALA A 195 -29.82 -26.96 0.41
N ALA A 196 -29.40 -26.75 -0.83
CA ALA A 196 -28.05 -26.29 -1.05
C ALA A 196 -27.95 -25.41 -2.30
N VAL A 197 -27.27 -24.27 -2.14
CA VAL A 197 -27.10 -23.25 -3.19
C VAL A 197 -25.64 -22.85 -3.38
N LEU A 198 -25.38 -22.26 -4.55
CA LEU A 198 -24.04 -21.77 -4.89
C LEU A 198 -24.02 -20.26 -5.10
N VAL A 199 -23.40 -19.54 -4.18
CA VAL A 199 -23.31 -18.07 -4.29
C VAL A 199 -21.90 -17.58 -4.67
N PRO A 200 -21.80 -16.66 -5.64
CA PRO A 200 -20.55 -16.01 -6.02
C PRO A 200 -19.71 -15.62 -4.80
N ALA A 201 -18.41 -15.94 -4.86
CA ALA A 201 -17.57 -15.94 -3.67
C ALA A 201 -17.28 -14.57 -3.07
N LYS A 202 -16.98 -13.59 -3.91
CA LYS A 202 -16.65 -12.26 -3.40
C LYS A 202 -17.88 -11.54 -2.84
N THR A 203 -18.96 -11.58 -3.59
CA THR A 203 -20.23 -11.01 -3.12
C THR A 203 -20.55 -11.39 -1.66
N LEU A 204 -20.02 -12.52 -1.23
CA LEU A 204 -20.41 -13.08 0.05
C LEU A 204 -19.42 -12.66 1.11
N ALA A 205 -18.15 -12.66 0.72
CA ALA A 205 -17.07 -12.28 1.61
C ALA A 205 -17.16 -10.79 1.94
N GLU A 206 -17.56 -10.02 0.93
CA GLU A 206 -17.79 -8.59 1.10
C GLU A 206 -18.85 -8.32 2.16
N ALA A 207 -19.94 -9.09 2.13
CA ALA A 207 -21.04 -8.93 3.07
C ALA A 207 -20.70 -9.48 4.47
N ALA A 208 -19.48 -10.02 4.61
CA ALA A 208 -19.02 -10.57 5.90
C ALA A 208 -18.33 -9.49 6.72
N LYS A 209 -18.46 -8.25 6.27
CA LYS A 209 -17.92 -7.08 6.96
C LYS A 209 -19.02 -6.06 7.30
N ALA A 210 -20.21 -6.25 6.71
CA ALA A 210 -21.45 -5.56 7.09
C ALA A 210 -22.07 -6.35 8.23
N GLY A 211 -21.24 -7.23 8.77
CA GLY A 211 -21.51 -7.99 9.96
C GLY A 211 -20.38 -7.70 10.93
N ILE A 212 -20.38 -6.47 11.43
CA ILE A 212 -19.58 -6.09 12.58
C ILE A 212 -20.61 -5.61 13.60
N GLY A 213 -21.49 -4.73 13.13
CA GLY A 213 -22.72 -4.45 13.82
C GLY A 213 -23.68 -5.56 13.45
N GLY A 214 -24.80 -5.62 14.15
CA GLY A 214 -25.78 -6.67 13.96
C GLY A 214 -25.55 -7.80 14.93
N SER A 215 -24.29 -8.02 15.29
CA SER A 215 -23.90 -9.14 16.17
C SER A 215 -24.84 -10.34 15.97
N ASP A 216 -25.27 -10.52 14.73
CA ASP A 216 -26.33 -11.45 14.40
C ASP A 216 -26.85 -11.18 12.98
N VAL A 217 -26.30 -11.89 12.00
CA VAL A 217 -26.65 -11.69 10.60
C VAL A 217 -27.64 -12.75 10.12
N ARG A 218 -28.44 -12.41 9.12
CA ARG A 218 -29.56 -13.26 8.75
C ARG A 218 -29.64 -13.57 7.25
N LEU A 219 -29.50 -14.86 6.92
CA LEU A 219 -29.62 -15.34 5.55
C LEU A 219 -31.09 -15.47 5.13
N SER A 220 -31.41 -15.04 3.92
CA SER A 220 -32.78 -15.08 3.43
C SER A 220 -32.84 -15.73 2.05
N LEU A 221 -32.92 -17.06 1.99
CA LEU A 221 -33.06 -17.77 0.70
C LEU A 221 -34.53 -18.07 0.32
N GLY A 222 -35.38 -18.14 1.33
CA GLY A 222 -36.76 -18.55 1.17
C GLY A 222 -37.06 -19.46 2.35
N THR A 223 -38.26 -20.03 2.40
CA THR A 223 -38.59 -20.96 3.48
C THR A 223 -39.44 -22.12 2.98
N GLY A 224 -39.22 -23.29 3.57
CA GLY A 224 -39.96 -24.50 3.24
C GLY A 224 -39.56 -25.16 1.93
N PRO A 225 -40.54 -25.35 1.00
CA PRO A 225 -40.40 -25.93 -0.35
C PRO A 225 -39.93 -24.94 -1.41
N GLY A 226 -39.74 -23.68 -1.03
CA GLY A 226 -39.23 -22.67 -1.93
C GLY A 226 -37.99 -21.97 -1.40
N VAL A 227 -37.01 -22.75 -0.96
CA VAL A 227 -35.71 -22.22 -0.56
C VAL A 227 -34.80 -22.05 -1.77
N GLY A 228 -34.84 -23.04 -2.66
CA GLY A 228 -34.14 -22.93 -3.92
C GLY A 228 -34.76 -21.84 -4.80
N LYS A 229 -36.02 -22.05 -5.18
CA LYS A 229 -36.79 -21.06 -5.95
C LYS A 229 -36.56 -19.68 -5.35
N ASP A 230 -36.87 -18.63 -6.09
CA ASP A 230 -36.44 -17.28 -5.73
C ASP A 230 -34.93 -17.24 -5.91
N GLY A 231 -34.49 -17.03 -7.16
CA GLY A 231 -33.08 -17.21 -7.53
C GLY A 231 -32.05 -16.28 -6.90
N LEU A 232 -32.07 -16.15 -5.58
CA LEU A 232 -31.14 -15.26 -4.87
C LEU A 232 -31.10 -15.38 -3.34
N LEU A 233 -30.00 -14.89 -2.76
CA LEU A 233 -29.70 -14.96 -1.34
C LEU A 233 -29.65 -13.56 -0.76
N GLY A 234 -30.02 -13.42 0.51
CA GLY A 234 -30.11 -12.10 1.10
C GLY A 234 -29.46 -12.07 2.47
N ILE A 235 -28.41 -11.29 2.59
CA ILE A 235 -27.74 -11.12 3.87
C ILE A 235 -28.26 -9.82 4.48
N SER A 236 -28.79 -9.87 5.70
CA SER A 236 -29.27 -8.67 6.38
C SER A 236 -28.64 -8.61 7.78
N GLY A 237 -28.86 -7.52 8.50
CA GLY A 237 -28.35 -7.39 9.85
C GLY A 237 -27.75 -6.03 10.15
N ASN A 238 -28.02 -5.53 11.35
CA ASN A 238 -27.63 -4.18 11.70
C ASN A 238 -28.50 -3.22 10.86
N GLY A 239 -27.86 -2.25 10.22
CA GLY A 239 -28.55 -1.37 9.30
C GLY A 239 -28.44 -1.79 7.83
N LYS A 240 -27.40 -2.56 7.51
CA LYS A 240 -27.13 -2.96 6.13
C LYS A 240 -27.96 -4.18 5.67
N ARG A 241 -28.11 -4.33 4.36
CA ARG A 241 -28.68 -5.55 3.77
C ARG A 241 -28.25 -5.66 2.30
N SER A 242 -28.08 -6.88 1.80
CA SER A 242 -27.77 -7.09 0.37
C SER A 242 -28.37 -8.36 -0.22
N THR A 243 -28.48 -8.37 -1.54
CA THR A 243 -28.86 -9.56 -2.28
C THR A 243 -27.84 -9.88 -3.36
N THR A 244 -27.57 -11.16 -3.54
CA THR A 244 -26.77 -11.60 -4.65
C THR A 244 -27.46 -12.73 -5.44
N ARG A 245 -27.59 -12.53 -6.74
CA ARG A 245 -28.16 -13.53 -7.62
C ARG A 245 -27.36 -14.84 -7.60
N LEU A 246 -28.02 -15.93 -7.23
CA LEU A 246 -27.37 -17.25 -7.13
C LEU A 246 -26.81 -17.78 -8.45
N LEU A 247 -25.83 -18.65 -8.27
CA LEU A 247 -25.04 -19.21 -9.35
C LEU A 247 -25.62 -20.57 -9.74
N ASP A 248 -25.94 -20.71 -11.02
CA ASP A 248 -26.63 -21.92 -11.50
C ASP A 248 -25.66 -22.99 -12.00
N ALA A 249 -24.95 -23.63 -11.07
CA ALA A 249 -23.91 -24.59 -11.43
C ALA A 249 -23.84 -25.72 -10.43
N GLU A 250 -23.33 -26.85 -10.90
CA GLU A 250 -23.16 -28.02 -10.05
C GLU A 250 -21.74 -28.01 -9.53
N PHE A 251 -21.61 -28.42 -8.28
CA PHE A 251 -20.39 -28.25 -7.51
C PHE A 251 -19.93 -29.64 -7.04
N PRO A 252 -18.65 -29.95 -7.28
CA PRO A 252 -17.96 -31.20 -6.95
C PRO A 252 -18.57 -31.97 -5.78
N LYS A 253 -18.68 -33.28 -5.96
CA LYS A 253 -19.43 -34.14 -5.05
C LYS A 253 -18.82 -34.14 -3.64
N PHE A 254 -17.49 -34.09 -3.60
CA PHE A 254 -16.73 -33.48 -2.50
C PHE A 254 -16.61 -34.16 -1.11
N ARG A 255 -17.62 -34.84 -0.61
CA ARG A 255 -17.41 -35.62 0.62
C ARG A 255 -16.64 -36.89 0.26
N GLN A 256 -16.78 -37.28 -1.00
CA GLN A 256 -16.07 -38.41 -1.57
C GLN A 256 -14.56 -38.19 -1.49
N LEU A 257 -14.13 -36.93 -1.60
CA LEU A 257 -12.71 -36.63 -1.70
C LEU A 257 -11.96 -36.64 -0.36
N LEU A 258 -12.68 -36.80 0.75
CA LEU A 258 -12.00 -36.80 2.06
C LEU A 258 -11.40 -38.18 2.46
N PRO A 259 -10.23 -38.15 3.13
CA PRO A 259 -9.67 -39.36 3.72
C PRO A 259 -10.46 -39.93 4.91
N THR A 260 -10.64 -41.24 4.85
CA THR A 260 -11.21 -42.07 5.92
C THR A 260 -10.18 -42.38 7.01
N GLU A 261 -8.96 -42.65 6.56
CA GLU A 261 -7.84 -42.98 7.43
C GLU A 261 -6.58 -42.46 6.76
N HIS A 262 -5.55 -42.18 7.56
CA HIS A 262 -4.27 -41.69 7.04
C HIS A 262 -3.14 -42.66 7.37
N THR A 263 -2.30 -42.95 6.38
CA THR A 263 -1.10 -43.75 6.62
C THR A 263 -0.05 -43.01 7.49
N ALA A 264 -0.01 -41.69 7.39
CA ALA A 264 0.87 -40.88 8.25
C ALA A 264 0.16 -39.67 8.83
N VAL A 265 0.66 -39.16 9.95
CA VAL A 265 0.03 -38.03 10.59
C VAL A 265 1.03 -37.19 11.37
N ALA A 266 1.13 -35.91 11.02
CA ALA A 266 2.11 -35.00 11.64
C ALA A 266 1.43 -33.86 12.37
N THR A 267 2.19 -33.17 13.22
CA THR A 267 1.64 -32.09 14.05
C THR A 267 2.68 -31.08 14.54
N MET A 268 2.90 -30.01 13.78
CA MET A 268 3.85 -28.99 14.18
C MET A 268 3.19 -27.63 14.38
N ASP A 269 3.95 -26.66 14.88
CA ASP A 269 3.44 -25.33 15.17
C ASP A 269 3.18 -24.55 13.88
N VAL A 270 2.01 -23.91 13.78
CA VAL A 270 1.65 -23.15 12.59
C VAL A 270 2.59 -21.97 12.37
N ALA A 271 2.76 -21.15 13.41
CA ALA A 271 3.68 -20.00 13.36
C ALA A 271 5.02 -20.31 12.73
N GLU A 272 5.76 -21.20 13.38
CA GLU A 272 7.07 -21.61 12.88
C GLU A 272 7.03 -22.10 11.44
N LEU A 273 5.99 -22.86 11.09
CA LEU A 273 5.94 -23.52 9.79
C LEU A 273 5.74 -22.51 8.68
N ILE A 274 4.93 -21.48 8.95
CA ILE A 274 4.71 -20.41 7.99
C ILE A 274 6.00 -19.64 7.72
N GLU A 275 6.61 -19.07 8.75
CA GLU A 275 7.90 -18.40 8.61
C GLU A 275 8.91 -19.24 7.81
N ALA A 276 9.03 -20.50 8.18
CA ALA A 276 9.94 -21.41 7.51
C ALA A 276 9.58 -21.58 6.03
N ILE A 277 8.29 -21.49 5.69
CA ILE A 277 7.93 -21.64 4.27
C ILE A 277 8.28 -20.37 3.49
N LYS A 278 7.94 -19.22 4.06
CA LYS A 278 8.15 -17.93 3.40
C LYS A 278 9.62 -17.73 3.18
N LEU A 279 10.43 -18.33 4.02
CA LEU A 279 11.89 -18.25 3.91
C LEU A 279 12.55 -19.17 2.86
N VAL A 280 12.22 -20.45 2.85
CA VAL A 280 12.89 -21.31 1.89
C VAL A 280 12.37 -21.09 0.49
N ALA A 281 11.22 -20.44 0.36
CA ALA A 281 10.65 -20.25 -0.97
C ALA A 281 11.24 -19.03 -1.70
N LEU A 282 12.12 -18.29 -1.02
CA LEU A 282 12.73 -17.11 -1.62
C LEU A 282 13.54 -17.54 -2.84
N VAL A 283 14.05 -18.77 -2.76
CA VAL A 283 14.92 -19.32 -3.80
C VAL A 283 14.10 -20.30 -4.60
N ALA A 284 12.77 -20.15 -4.52
CA ALA A 284 11.83 -21.23 -4.83
C ALA A 284 11.87 -21.83 -6.23
N ASP A 285 12.11 -20.99 -7.24
CA ASP A 285 12.09 -21.43 -8.65
C ASP A 285 10.82 -20.88 -9.27
N ARG A 286 10.75 -19.56 -9.39
CA ARG A 286 9.54 -18.88 -9.83
C ARG A 286 8.38 -19.09 -8.83
N GLY A 287 8.73 -19.58 -7.64
CA GLY A 287 7.77 -19.81 -6.57
C GLY A 287 7.05 -21.15 -6.63
N ALA A 288 7.39 -21.96 -7.62
CA ALA A 288 6.66 -23.18 -7.95
C ALA A 288 6.39 -24.19 -6.81
N GLN A 289 7.41 -24.46 -6.00
CA GLN A 289 7.36 -25.62 -5.10
C GLN A 289 8.23 -25.56 -3.84
N VAL A 290 7.71 -26.10 -2.75
CA VAL A 290 8.46 -26.37 -1.51
C VAL A 290 8.32 -27.88 -1.20
N ARG A 291 9.34 -28.54 -0.66
CA ARG A 291 9.22 -29.99 -0.38
C ARG A 291 9.45 -30.33 1.10
N MET A 292 8.73 -31.33 1.60
CA MET A 292 8.83 -31.68 3.01
C MET A 292 9.29 -33.12 3.17
N GLU A 293 10.48 -33.30 3.77
CA GLU A 293 10.99 -34.62 4.16
C GLU A 293 10.57 -34.88 5.59
N PHE A 294 9.76 -35.90 5.76
CA PHE A 294 9.24 -36.26 7.07
C PHE A 294 9.94 -37.51 7.57
N ALA A 295 10.51 -37.41 8.77
CA ALA A 295 11.20 -38.53 9.38
C ALA A 295 11.15 -38.38 10.90
N ASP A 296 11.12 -39.50 11.60
CA ASP A 296 11.13 -39.52 13.07
C ASP A 296 10.36 -38.38 13.74
N GLY A 297 11.08 -37.47 14.40
CA GLY A 297 10.48 -36.31 14.99
C GLY A 297 11.04 -34.99 14.43
N SER A 298 11.27 -34.96 13.11
CA SER A 298 11.75 -33.76 12.44
C SER A 298 11.37 -33.72 10.95
N VAL A 299 11.10 -32.52 10.46
CA VAL A 299 10.82 -32.30 9.04
C VAL A 299 11.79 -31.26 8.48
N ARG A 300 12.25 -31.51 7.26
CA ARG A 300 13.16 -30.61 6.58
C ARG A 300 12.52 -30.14 5.28
N LEU A 301 12.05 -28.89 5.29
CA LEU A 301 11.55 -28.30 4.06
C LEU A 301 12.72 -27.68 3.32
N SER A 302 12.55 -27.51 2.02
CA SER A 302 13.62 -27.16 1.13
C SER A 302 13.13 -26.84 -0.30
N ALA A 303 13.40 -25.64 -0.78
CA ALA A 303 13.24 -25.40 -2.22
C ALA A 303 14.61 -25.09 -2.80
N GLY A 304 14.73 -25.13 -4.12
CA GLY A 304 16.01 -24.99 -4.80
C GLY A 304 15.76 -25.00 -6.29
N ALA A 305 16.75 -24.59 -7.10
CA ALA A 305 16.40 -24.15 -8.45
C ALA A 305 17.36 -24.42 -9.66
N ASP A 306 17.27 -23.51 -10.64
CA ASP A 306 17.99 -23.54 -11.93
C ASP A 306 19.39 -22.90 -11.80
N ASP A 307 19.53 -21.96 -10.87
CA ASP A 307 20.83 -21.62 -10.34
C ASP A 307 21.26 -22.79 -9.44
N VAL A 308 20.29 -23.66 -9.16
CA VAL A 308 20.20 -24.45 -7.91
C VAL A 308 20.36 -23.52 -6.67
N GLY A 309 19.37 -22.64 -6.47
CA GLY A 309 19.40 -21.62 -5.42
C GLY A 309 19.30 -22.18 -4.01
N ARG A 310 19.00 -23.48 -3.93
CA ARG A 310 18.96 -24.27 -2.68
C ARG A 310 18.99 -23.57 -1.30
N ALA A 311 17.86 -23.71 -0.60
CA ALA A 311 17.72 -23.40 0.82
C ALA A 311 17.11 -24.61 1.51
N GLU A 312 17.30 -24.71 2.83
CA GLU A 312 16.59 -25.71 3.63
C GLU A 312 16.53 -25.31 5.10
N GLU A 313 15.46 -25.76 5.76
CA GLU A 313 15.30 -25.51 7.20
C GLU A 313 14.76 -26.77 7.85
N ASP A 314 15.15 -26.99 9.10
CA ASP A 314 14.73 -28.16 9.87
C ASP A 314 13.95 -27.72 11.09
N LEU A 315 12.72 -28.22 11.24
CA LEU A 315 11.99 -28.02 12.49
C LEU A 315 11.37 -29.31 13.00
N VAL A 316 10.99 -29.27 14.27
CA VAL A 316 10.52 -30.44 15.00
C VAL A 316 9.05 -30.71 14.78
N VAL A 317 8.75 -31.86 14.21
CA VAL A 317 7.37 -32.28 14.00
C VAL A 317 7.03 -33.47 14.89
N ASP A 318 5.91 -33.37 15.59
CA ASP A 318 5.35 -34.50 16.35
C ASP A 318 4.73 -35.51 15.37
N TYR A 319 5.59 -36.37 14.82
CA TYR A 319 5.21 -37.22 13.69
C TYR A 319 4.86 -38.67 14.11
N ALA A 320 4.10 -39.35 13.25
CA ALA A 320 3.67 -40.73 13.49
C ALA A 320 3.35 -41.45 12.18
N GLY A 321 4.17 -42.44 11.85
CA GLY A 321 4.03 -43.18 10.60
C GLY A 321 5.40 -43.38 9.99
N GLU A 322 5.44 -44.00 8.81
CA GLU A 322 6.71 -44.22 8.12
C GLU A 322 7.11 -43.01 7.28
N PRO A 323 8.37 -42.56 7.44
CA PRO A 323 8.99 -41.53 6.62
C PRO A 323 8.32 -41.30 5.26
N LEU A 324 8.01 -40.02 4.99
CA LEU A 324 7.27 -39.60 3.81
C LEU A 324 7.85 -38.29 3.29
N THR A 325 7.91 -38.17 1.95
CA THR A 325 8.41 -36.96 1.31
C THR A 325 7.40 -36.40 0.30
N ILE A 326 6.81 -35.25 0.62
CA ILE A 326 5.75 -34.62 -0.21
C ILE A 326 6.00 -33.14 -0.59
N ALA A 327 5.55 -32.76 -1.78
CA ALA A 327 5.76 -31.39 -2.29
C ALA A 327 4.47 -30.55 -2.52
N PHE A 328 4.47 -29.31 -2.01
CA PHE A 328 3.33 -28.41 -2.12
C PHE A 328 3.67 -27.10 -2.82
N ASN A 329 2.72 -26.56 -3.57
CA ASN A 329 2.77 -25.15 -3.93
C ASN A 329 2.78 -24.31 -2.63
N PRO A 330 3.80 -23.46 -2.43
CA PRO A 330 3.96 -22.84 -1.10
C PRO A 330 2.84 -21.87 -0.71
N THR A 331 2.12 -21.33 -1.70
CA THR A 331 1.06 -20.36 -1.40
C THR A 331 -0.18 -21.10 -0.92
N TYR A 332 -0.72 -21.96 -1.76
CA TYR A 332 -1.73 -22.92 -1.32
C TYR A 332 -1.45 -23.44 0.09
N LEU A 333 -0.19 -23.74 0.39
CA LEU A 333 0.17 -24.25 1.70
C LEU A 333 -0.08 -23.21 2.81
N THR A 334 0.46 -22.01 2.64
CA THR A 334 0.32 -20.98 3.67
C THR A 334 -1.10 -20.44 3.75
N ASP A 335 -1.79 -20.43 2.61
CA ASP A 335 -3.19 -20.04 2.61
C ASP A 335 -3.97 -20.94 3.57
N GLY A 336 -3.94 -22.24 3.32
CA GLY A 336 -4.51 -23.20 4.24
C GLY A 336 -4.07 -22.98 5.69
N LEU A 337 -2.78 -22.77 5.92
CA LEU A 337 -2.25 -22.64 7.27
C LEU A 337 -2.72 -21.41 8.03
N SER A 338 -3.00 -20.32 7.31
CA SER A 338 -3.51 -19.10 7.95
C SER A 338 -4.91 -19.31 8.45
N SER A 339 -5.71 -19.99 7.62
CA SER A 339 -7.14 -20.24 7.84
C SER A 339 -7.51 -21.09 9.06
N LEU A 340 -6.60 -22.00 9.42
CA LEU A 340 -6.86 -22.93 10.53
C LEU A 340 -7.17 -22.15 11.80
N ARG A 341 -6.69 -20.90 11.83
CA ARG A 341 -7.08 -19.97 12.87
C ARG A 341 -6.72 -20.59 14.22
N SER A 342 -5.69 -21.43 14.21
CA SER A 342 -5.32 -22.19 15.41
C SER A 342 -3.86 -22.04 15.79
N GLU A 343 -3.55 -22.57 16.96
CA GLU A 343 -2.21 -22.51 17.54
C GLU A 343 -1.26 -23.40 16.75
N ARG A 344 -1.74 -24.60 16.40
CA ARG A 344 -0.91 -25.66 15.78
C ARG A 344 -1.71 -26.43 14.73
N VAL A 345 -1.03 -27.16 13.85
CA VAL A 345 -1.69 -27.80 12.73
C VAL A 345 -1.49 -29.31 12.70
N SER A 346 -2.39 -30.01 12.02
CA SER A 346 -2.28 -31.46 11.90
C SER A 346 -2.41 -31.94 10.45
N PHE A 347 -1.33 -32.53 9.93
CA PHE A 347 -1.34 -33.09 8.58
C PHE A 347 -1.85 -34.54 8.52
N GLY A 348 -2.55 -34.87 7.43
CA GLY A 348 -3.03 -36.22 7.25
C GLY A 348 -2.81 -36.80 5.87
N PHE A 349 -1.67 -37.46 5.71
CA PHE A 349 -1.30 -37.97 4.40
C PHE A 349 -1.82 -39.36 4.17
N THR A 350 -2.33 -39.60 2.97
CA THR A 350 -2.45 -40.95 2.49
C THR A 350 -1.07 -41.22 1.83
N THR A 351 -0.98 -41.37 0.51
CA THR A 351 0.35 -41.43 -0.12
C THR A 351 0.85 -40.01 -0.40
N ALA A 352 1.84 -39.92 -1.29
CA ALA A 352 2.44 -38.62 -1.62
C ALA A 352 1.98 -38.04 -2.99
N GLY A 353 1.00 -38.68 -3.62
CA GLY A 353 0.37 -38.19 -4.84
C GLY A 353 -1.10 -37.94 -4.56
N LYS A 354 -1.43 -38.00 -3.28
CA LYS A 354 -2.79 -37.80 -2.82
C LYS A 354 -2.87 -36.73 -1.73
N PRO A 355 -3.93 -35.91 -1.79
CA PRO A 355 -4.25 -34.77 -0.93
C PRO A 355 -3.84 -34.94 0.50
N ALA A 356 -3.08 -33.97 1.00
CA ALA A 356 -2.83 -33.82 2.43
C ALA A 356 -4.08 -33.25 3.07
N LEU A 357 -4.18 -33.37 4.38
CA LEU A 357 -5.38 -32.87 5.04
C LEU A 357 -4.95 -32.07 6.26
N LEU A 358 -5.15 -30.76 6.17
CA LEU A 358 -4.84 -29.85 7.26
C LEU A 358 -6.07 -29.61 8.10
N ARG A 359 -5.90 -29.66 9.41
CA ARG A 359 -6.97 -29.29 10.30
C ARG A 359 -6.33 -28.78 11.57
N PRO A 360 -7.11 -28.06 12.38
CA PRO A 360 -6.57 -27.36 13.56
C PRO A 360 -6.33 -28.27 14.78
N VAL A 361 -5.51 -27.78 15.70
CA VAL A 361 -5.18 -28.52 16.93
C VAL A 361 -5.00 -27.59 18.13
N SER A 362 -5.88 -27.74 19.12
CA SER A 362 -5.87 -26.94 20.34
C SER A 362 -5.92 -27.83 21.59
N GLY A 363 -4.79 -27.97 22.28
CA GLY A 363 -4.69 -28.91 23.38
C GLY A 363 -4.47 -30.32 22.90
N ASP A 364 -3.74 -31.12 23.67
CA ASP A 364 -3.38 -32.50 23.29
C ASP A 364 -4.59 -33.44 23.30
N ASP A 365 -5.54 -33.20 22.40
CA ASP A 365 -6.69 -34.07 22.23
C ASP A 365 -6.22 -35.44 21.75
N ARG A 366 -5.68 -35.46 20.54
CA ARG A 366 -5.10 -36.65 19.93
C ARG A 366 -3.93 -36.22 19.05
N PRO A 367 -2.75 -36.89 19.19
CA PRO A 367 -2.40 -38.22 19.69
C PRO A 367 -3.53 -39.18 20.17
N VAL A 368 -3.44 -39.70 21.39
CA VAL A 368 -4.37 -40.71 21.91
C VAL A 368 -4.21 -42.14 21.31
N ALA A 369 -4.42 -42.27 20.00
CA ALA A 369 -4.21 -43.55 19.32
C ALA A 369 -3.07 -43.45 18.31
N GLY A 370 -2.18 -42.47 18.55
CA GLY A 370 -1.06 -42.19 17.68
C GLY A 370 0.28 -42.73 18.18
N LEU A 371 0.33 -44.04 18.33
CA LEU A 371 1.56 -44.76 18.66
C LEU A 371 1.85 -45.81 17.58
N ASN A 372 0.79 -46.50 17.13
CA ASN A 372 0.91 -47.56 16.13
C ASN A 372 1.34 -47.07 14.75
N GLY A 373 2.62 -46.72 14.63
CA GLY A 373 3.18 -46.26 13.36
C GLY A 373 2.89 -47.23 12.24
N ASN A 374 2.90 -48.52 12.56
CA ASN A 374 2.61 -49.57 11.59
C ASN A 374 1.11 -49.74 11.36
N GLY A 375 0.46 -48.70 10.83
CA GLY A 375 -0.84 -48.90 10.24
C GLY A 375 -1.81 -47.76 10.43
N PRO A 376 -2.75 -47.63 9.47
CA PRO A 376 -3.78 -46.58 9.32
C PRO A 376 -4.25 -45.90 10.61
N PHE A 377 -4.36 -44.56 10.58
CA PHE A 377 -4.92 -43.77 11.67
C PHE A 377 -6.36 -43.28 11.35
N PRO A 378 -7.11 -42.92 12.40
CA PRO A 378 -8.52 -42.54 12.18
C PRO A 378 -8.60 -41.15 11.55
N ALA A 379 -9.66 -40.89 10.79
CA ALA A 379 -9.88 -39.56 10.21
C ALA A 379 -10.02 -38.47 11.29
N VAL A 380 -10.87 -38.74 12.28
CA VAL A 380 -11.18 -37.80 13.39
C VAL A 380 -11.96 -36.53 12.99
N SER A 381 -13.17 -36.40 13.55
CA SER A 381 -14.05 -35.29 13.27
C SER A 381 -13.36 -33.93 13.42
N THR A 382 -13.83 -32.96 12.64
CA THR A 382 -13.36 -31.58 12.73
C THR A 382 -14.32 -30.65 11.97
N ASP A 383 -14.45 -29.41 12.46
CA ASP A 383 -15.41 -28.45 11.89
C ASP A 383 -14.83 -27.61 10.74
N TYR A 384 -13.50 -27.51 10.71
CA TYR A 384 -12.79 -26.92 9.57
C TYR A 384 -11.72 -27.85 8.98
N VAL A 385 -11.82 -28.09 7.69
CA VAL A 385 -10.83 -28.89 6.99
C VAL A 385 -10.28 -28.15 5.75
N TYR A 386 -8.97 -28.26 5.52
CA TYR A 386 -8.32 -27.77 4.29
C TYR A 386 -7.62 -28.94 3.57
N LEU A 387 -8.08 -29.25 2.37
CA LEU A 387 -7.56 -30.38 1.63
C LEU A 387 -6.64 -29.88 0.54
N LEU A 388 -5.35 -30.17 0.62
CA LEU A 388 -4.40 -29.60 -0.33
C LEU A 388 -3.70 -30.63 -1.24
N MET A 389 -4.00 -30.56 -2.54
CA MET A 389 -3.34 -31.40 -3.55
C MET A 389 -1.81 -31.17 -3.57
N PRO A 390 -1.00 -32.25 -3.75
CA PRO A 390 0.47 -32.12 -3.86
C PRO A 390 0.84 -31.73 -5.28
N VAL A 391 2.04 -31.20 -5.48
CA VAL A 391 2.37 -30.49 -6.71
C VAL A 391 3.44 -31.19 -7.54
N ARG A 392 3.46 -30.89 -8.85
CA ARG A 392 4.37 -31.52 -9.83
C ARG A 392 4.92 -30.55 -10.90
N LEU A 393 6.24 -30.57 -11.12
CA LEU A 393 6.89 -29.68 -12.10
C LEU A 393 7.71 -30.44 -13.19
N PRO A 394 7.78 -29.89 -14.43
CA PRO A 394 8.12 -30.58 -15.71
C PRO A 394 9.57 -30.79 -16.36
N GLY A 395 10.71 -30.71 -15.66
CA GLY A 395 11.99 -31.13 -16.28
C GLY A 395 13.20 -30.19 -16.42
N LEU B 3 44.45 -23.37 2.27
CA LEU B 3 43.94 -21.96 2.33
C LEU B 3 42.46 -21.73 1.99
N THR B 4 41.85 -20.72 2.59
CA THR B 4 40.39 -20.49 2.39
C THR B 4 39.81 -19.05 2.27
N ASP B 5 39.36 -18.70 1.06
CA ASP B 5 38.06 -18.04 0.78
C ASP B 5 37.34 -17.32 1.94
N LEU B 6 36.69 -16.20 1.62
CA LEU B 6 36.02 -15.36 2.62
C LEU B 6 35.17 -16.17 3.60
N THR B 7 35.20 -15.82 4.89
CA THR B 7 34.22 -16.36 5.83
C THR B 7 34.07 -15.47 7.07
N PHE B 8 32.83 -15.29 7.54
CA PHE B 8 32.60 -14.30 8.62
C PHE B 8 31.33 -14.52 9.42
N ARG B 9 31.15 -13.66 10.42
CA ARG B 9 30.02 -13.77 11.34
C ARG B 9 29.48 -12.40 11.70
N LEU B 10 28.32 -12.07 11.16
CA LEU B 10 27.72 -10.75 11.29
C LEU B 10 26.43 -10.89 12.09
N LEU B 11 25.93 -9.80 12.64
CA LEU B 11 24.81 -9.89 13.57
C LEU B 11 23.39 -9.97 12.94
N ARG B 12 23.31 -9.96 11.61
CA ARG B 12 22.03 -9.98 10.87
C ARG B 12 21.30 -8.66 10.88
N GLU B 13 20.90 -8.21 12.07
CA GLU B 13 20.42 -6.84 12.22
C GLU B 13 21.29 -5.90 11.41
N SER B 14 22.60 -6.01 11.62
CA SER B 14 23.62 -5.16 10.98
C SER B 14 23.91 -5.57 9.54
N PHE B 15 23.79 -6.87 9.27
CA PHE B 15 24.04 -7.39 7.93
C PHE B 15 22.90 -6.97 6.99
N ALA B 16 21.69 -7.03 7.51
CA ALA B 16 20.49 -6.72 6.73
C ALA B 16 20.44 -5.25 6.33
N ASP B 17 20.67 -4.35 7.29
CA ASP B 17 20.76 -2.95 6.98
C ASP B 17 21.80 -2.70 5.87
N ALA B 18 23.08 -2.93 6.19
CA ALA B 18 24.14 -2.67 5.23
C ALA B 18 23.78 -3.15 3.83
N VAL B 19 23.14 -4.31 3.72
CA VAL B 19 22.79 -4.86 2.40
C VAL B 19 21.67 -4.09 1.67
N SER B 20 20.62 -3.72 2.39
CA SER B 20 19.53 -2.97 1.76
C SER B 20 19.98 -1.57 1.30
N TRP B 21 20.70 -0.84 2.15
CA TRP B 21 21.26 0.42 1.72
C TRP B 21 22.00 0.31 0.38
N VAL B 22 22.60 -0.83 0.08
CA VAL B 22 23.34 -0.92 -1.17
C VAL B 22 22.45 -1.26 -2.37
N ALA B 23 21.34 -1.95 -2.12
CA ALA B 23 20.38 -2.29 -3.20
C ALA B 23 19.30 -1.20 -3.47
N LYS B 24 19.03 -0.35 -2.48
CA LYS B 24 18.20 0.85 -2.65
C LYS B 24 18.73 1.83 -3.71
N ASN B 25 20.05 1.89 -3.90
CA ASN B 25 20.62 2.54 -5.06
C ASN B 25 20.74 1.50 -6.18
N LEU B 26 21.25 1.90 -7.35
CA LEU B 26 21.46 0.97 -8.48
C LEU B 26 20.37 -0.11 -8.66
N PRO B 27 19.10 0.29 -8.64
CA PRO B 27 18.10 -0.78 -8.72
C PRO B 27 17.98 -1.31 -10.14
N ALA B 28 16.74 -1.36 -10.61
CA ALA B 28 16.41 -1.68 -11.98
C ALA B 28 17.03 -2.98 -12.46
N ARG B 29 17.01 -3.17 -13.77
CA ARG B 29 17.70 -4.26 -14.41
C ARG B 29 18.99 -3.70 -14.97
N PRO B 30 20.12 -3.90 -14.27
CA PRO B 30 21.37 -3.32 -14.79
C PRO B 30 21.68 -3.83 -16.20
N ALA B 31 22.37 -2.98 -16.97
CA ALA B 31 22.60 -3.18 -18.40
C ALA B 31 23.47 -4.41 -18.69
N VAL B 32 24.62 -4.46 -18.02
CA VAL B 32 25.50 -5.63 -18.05
C VAL B 32 25.14 -6.53 -16.83
N PRO B 33 24.96 -7.84 -17.07
CA PRO B 33 24.34 -8.75 -16.11
C PRO B 33 25.09 -8.80 -14.79
N VAL B 34 26.41 -8.73 -14.87
CA VAL B 34 27.27 -8.75 -13.70
C VAL B 34 26.88 -7.73 -12.64
N LEU B 35 26.35 -6.58 -13.08
CA LEU B 35 26.17 -5.42 -12.21
C LEU B 35 25.05 -5.62 -11.21
N SER B 36 24.36 -6.74 -11.35
CA SER B 36 23.25 -7.13 -10.49
C SER B 36 23.75 -7.85 -9.23
N GLY B 37 25.05 -8.06 -9.16
CA GLY B 37 25.65 -8.62 -7.96
C GLY B 37 26.05 -7.52 -7.00
N VAL B 38 26.16 -7.87 -5.73
CA VAL B 38 26.88 -7.01 -4.80
C VAL B 38 28.20 -7.68 -4.48
N LEU B 39 29.06 -6.91 -3.83
CA LEU B 39 30.40 -7.37 -3.59
C LEU B 39 30.66 -7.30 -2.09
N LEU B 40 30.86 -8.48 -1.50
CA LEU B 40 31.23 -8.57 -0.10
C LEU B 40 32.73 -8.75 -0.06
N THR B 41 33.38 -8.01 0.85
CA THR B 41 34.84 -8.07 1.06
C THR B 41 35.20 -8.01 2.55
N GLY B 42 35.79 -9.11 3.04
CA GLY B 42 36.32 -9.18 4.39
C GLY B 42 37.78 -8.80 4.42
N SER B 43 38.17 -8.10 5.48
CA SER B 43 39.56 -7.65 5.65
C SER B 43 39.70 -7.14 7.08
N ASP B 44 40.74 -6.35 7.34
CA ASP B 44 40.95 -5.72 8.64
C ASP B 44 40.16 -6.42 9.76
N ASN B 45 39.09 -5.76 10.21
CA ASN B 45 38.10 -6.34 11.14
C ASN B 45 36.68 -5.83 10.78
N GLY B 46 36.48 -5.62 9.48
CA GLY B 46 35.22 -5.14 8.96
C GLY B 46 34.89 -5.69 7.59
N LEU B 47 33.60 -5.81 7.34
CA LEU B 47 33.07 -6.24 6.04
C LEU B 47 32.49 -5.03 5.28
N THR B 48 32.73 -4.98 3.96
CA THR B 48 32.15 -3.92 3.13
C THR B 48 31.36 -4.48 1.94
N ILE B 49 30.05 -4.21 1.92
CA ILE B 49 29.21 -4.47 0.74
C ILE B 49 29.32 -3.29 -0.24
N SER B 50 29.37 -3.59 -1.54
CA SER B 50 29.56 -2.57 -2.57
C SER B 50 28.67 -2.83 -3.76
N GLY B 51 28.00 -1.78 -4.25
CA GLY B 51 27.22 -1.90 -5.46
C GLY B 51 27.65 -0.84 -6.46
N PHE B 52 27.37 -1.08 -7.74
CA PHE B 52 27.78 -0.15 -8.77
C PHE B 52 27.01 -0.35 -10.09
N ASP B 53 26.40 0.73 -10.60
CA ASP B 53 25.67 0.66 -11.88
C ASP B 53 26.14 1.63 -12.98
N TYR B 54 27.31 2.24 -12.78
CA TYR B 54 27.97 3.13 -13.74
C TYR B 54 27.62 4.59 -13.53
N GLU B 55 26.40 4.83 -13.05
CA GLU B 55 25.96 6.13 -12.59
C GLU B 55 26.21 6.28 -11.08
N VAL B 56 25.39 5.60 -10.28
CA VAL B 56 25.61 5.57 -8.83
C VAL B 56 26.48 4.39 -8.38
N SER B 57 26.96 4.48 -7.14
CA SER B 57 27.76 3.43 -6.53
C SER B 57 27.70 3.63 -5.03
N ALA B 58 27.09 2.68 -4.33
CA ALA B 58 27.03 2.73 -2.88
C ALA B 58 28.00 1.72 -2.30
N GLU B 59 28.15 1.78 -0.99
CA GLU B 59 29.15 1.01 -0.28
C GLU B 59 28.87 1.20 1.21
N ALA B 60 28.50 0.13 1.91
CA ALA B 60 28.37 0.20 3.36
C ALA B 60 29.48 -0.63 4.04
N GLN B 61 29.86 -0.20 5.23
CA GLN B 61 30.87 -0.90 6.01
C GLN B 61 30.28 -1.21 7.38
N VAL B 62 30.16 -2.51 7.67
CA VAL B 62 29.66 -2.97 8.95
C VAL B 62 30.74 -3.75 9.70
N GLY B 63 30.68 -3.71 11.03
CA GLY B 63 31.61 -4.42 11.89
C GLY B 63 31.26 -5.89 12.07
N ALA B 64 32.12 -6.74 11.53
CA ALA B 64 31.86 -8.16 11.50
C ALA B 64 33.13 -8.94 11.79
N GLU B 65 33.03 -9.92 12.69
CA GLU B 65 34.12 -10.84 12.96
C GLU B 65 34.41 -11.63 11.70
N ILE B 66 35.43 -11.21 10.93
CA ILE B 66 35.83 -12.00 9.78
C ILE B 66 36.81 -13.02 10.32
N VAL B 67 36.58 -14.31 10.05
CA VAL B 67 37.52 -15.35 10.46
C VAL B 67 38.37 -15.81 9.27
N SER B 68 38.31 -15.07 8.18
CA SER B 68 39.11 -15.34 7.00
C SER B 68 38.75 -14.32 5.92
N PRO B 69 39.75 -13.57 5.46
CA PRO B 69 39.58 -12.57 4.42
C PRO B 69 39.38 -13.15 3.03
N GLY B 70 38.72 -12.35 2.19
CA GLY B 70 38.52 -12.67 0.79
C GLY B 70 37.39 -11.80 0.27
N SER B 71 37.03 -12.03 -0.98
CA SER B 71 35.86 -11.35 -1.53
C SER B 71 35.04 -12.24 -2.48
N VAL B 72 33.73 -12.01 -2.49
CA VAL B 72 32.85 -12.74 -3.38
C VAL B 72 31.66 -11.91 -3.90
N LEU B 73 31.26 -12.22 -5.12
CA LEU B 73 30.14 -11.56 -5.74
C LEU B 73 28.92 -12.49 -5.73
N VAL B 74 27.84 -12.02 -5.13
CA VAL B 74 26.60 -12.77 -5.12
C VAL B 74 25.38 -11.90 -5.48
N SER B 75 24.46 -12.45 -6.26
CA SER B 75 23.25 -11.72 -6.66
C SER B 75 22.66 -10.84 -5.55
N GLY B 76 22.42 -9.59 -5.90
CA GLY B 76 22.10 -8.56 -4.93
C GLY B 76 20.69 -8.55 -4.39
N ARG B 77 19.71 -8.85 -5.24
CA ARG B 77 18.34 -8.81 -4.75
C ARG B 77 18.09 -10.00 -3.85
N LEU B 78 18.60 -11.16 -4.27
CA LEU B 78 18.46 -12.39 -3.50
C LEU B 78 19.06 -12.25 -2.12
N LEU B 79 20.25 -11.65 -2.05
CA LEU B 79 20.87 -11.44 -0.75
C LEU B 79 19.98 -10.53 0.12
N SER B 80 19.48 -9.45 -0.46
CA SER B 80 18.57 -8.53 0.23
C SER B 80 17.27 -9.19 0.70
N ASP B 81 16.66 -10.02 -0.14
CA ASP B 81 15.45 -10.73 0.26
C ASP B 81 15.73 -11.69 1.43
N ILE B 82 16.79 -12.48 1.31
CA ILE B 82 17.16 -13.44 2.34
C ILE B 82 17.53 -12.73 3.64
N THR B 83 18.39 -11.71 3.54
CA THR B 83 18.87 -10.99 4.73
C THR B 83 17.76 -10.37 5.56
N ARG B 84 16.65 -10.00 4.91
CA ARG B 84 15.49 -9.40 5.58
C ARG B 84 14.50 -10.46 6.11
N ALA B 85 14.52 -11.66 5.53
CA ALA B 85 13.60 -12.71 5.94
C ALA B 85 14.17 -13.63 7.02
N LEU B 86 15.44 -13.42 7.38
CA LEU B 86 16.12 -14.30 8.36
C LEU B 86 15.77 -13.91 9.79
N PRO B 87 15.89 -14.88 10.73
CA PRO B 87 15.54 -14.70 12.15
C PRO B 87 16.13 -13.43 12.78
N ASN B 88 16.79 -13.57 13.92
CA ASN B 88 17.56 -12.47 14.46
C ASN B 88 18.84 -13.03 15.07
N LYS B 89 19.02 -14.33 14.85
CA LYS B 89 20.26 -15.01 15.23
C LYS B 89 21.46 -14.45 14.42
N PRO B 90 22.68 -14.68 14.91
CA PRO B 90 23.89 -14.34 14.13
C PRO B 90 23.95 -15.16 12.84
N VAL B 91 24.41 -14.53 11.76
CA VAL B 91 24.46 -15.21 10.47
C VAL B 91 25.90 -15.60 10.07
N ASP B 92 26.07 -16.85 9.65
CA ASP B 92 27.37 -17.40 9.29
C ASP B 92 27.58 -17.54 7.80
N VAL B 93 28.23 -16.56 7.20
CA VAL B 93 28.57 -16.67 5.80
C VAL B 93 29.89 -17.40 5.69
N HIS B 94 29.99 -18.21 4.65
CA HIS B 94 31.21 -18.96 4.45
C HIS B 94 31.34 -19.39 3.00
N VAL B 95 32.34 -18.87 2.29
CA VAL B 95 32.55 -19.28 0.90
C VAL B 95 33.14 -20.69 0.80
N GLU B 96 32.33 -21.61 0.29
CA GLU B 96 32.79 -22.96 -0.03
C GLU B 96 33.13 -22.95 -1.52
N GLY B 97 33.86 -21.90 -1.91
CA GLY B 97 34.37 -21.68 -3.26
C GLY B 97 33.42 -22.02 -4.39
N ASN B 98 32.90 -20.99 -5.06
CA ASN B 98 31.88 -21.16 -6.12
C ASN B 98 30.43 -21.12 -5.59
N ARG B 99 30.28 -21.30 -4.27
CA ARG B 99 28.98 -21.18 -3.64
C ARG B 99 29.15 -20.47 -2.31
N VAL B 100 28.15 -19.72 -1.92
CA VAL B 100 28.18 -19.12 -0.59
C VAL B 100 27.24 -19.86 0.33
N ALA B 101 27.81 -20.35 1.43
CA ALA B 101 27.02 -21.05 2.42
C ALA B 101 26.59 -20.03 3.44
N LEU B 102 25.28 -19.81 3.49
CA LEU B 102 24.74 -18.86 4.44
C LEU B 102 23.94 -19.61 5.51
N THR B 103 24.20 -19.27 6.77
CA THR B 103 23.65 -20.01 7.90
C THR B 103 23.21 -19.11 9.03
N CYS B 104 21.96 -19.26 9.46
CA CYS B 104 21.41 -18.44 10.53
C CYS B 104 20.38 -19.25 11.30
N GLY B 105 20.80 -19.79 12.44
CA GLY B 105 20.01 -20.77 13.14
C GLY B 105 19.96 -22.07 12.35
N ASN B 106 18.76 -22.66 12.25
CA ASN B 106 18.57 -23.91 11.51
C ASN B 106 18.17 -23.66 10.05
N ALA B 107 18.35 -22.41 9.63
CA ALA B 107 18.20 -22.00 8.25
C ALA B 107 19.55 -22.10 7.55
N ARG B 108 19.57 -22.73 6.38
CA ARG B 108 20.82 -22.96 5.66
C ARG B 108 20.58 -22.63 4.20
N PHE B 109 21.48 -21.85 3.60
CA PHE B 109 21.33 -21.42 2.20
C PHE B 109 22.60 -21.74 1.41
N SER B 110 22.41 -22.08 0.15
CA SER B 110 23.54 -22.31 -0.74
C SER B 110 23.36 -21.52 -2.03
N LEU B 111 23.80 -20.25 -2.00
CA LEU B 111 23.67 -19.32 -3.12
C LEU B 111 24.81 -19.52 -4.11
N PRO B 112 24.54 -19.32 -5.41
CA PRO B 112 25.58 -19.43 -6.43
C PRO B 112 26.51 -18.26 -6.29
N THR B 113 27.52 -18.19 -7.14
CA THR B 113 28.53 -17.16 -6.99
C THR B 113 28.77 -16.54 -8.36
N MET B 114 28.98 -15.23 -8.38
CA MET B 114 29.36 -14.57 -9.62
C MET B 114 30.87 -14.33 -9.64
N PRO B 115 31.44 -14.30 -10.87
CA PRO B 115 32.88 -14.09 -11.12
C PRO B 115 33.29 -12.73 -10.61
N VAL B 116 34.01 -12.68 -9.49
CA VAL B 116 34.34 -11.41 -8.85
C VAL B 116 35.41 -10.63 -9.63
N GLU B 117 35.80 -11.14 -10.79
CA GLU B 117 36.80 -10.47 -11.63
C GLU B 117 36.21 -9.83 -12.88
N ASP B 118 34.89 -9.73 -12.95
CA ASP B 118 34.25 -8.97 -14.01
C ASP B 118 33.63 -7.72 -13.40
N TYR B 119 33.75 -7.60 -12.08
CA TYR B 119 33.24 -6.44 -11.37
C TYR B 119 34.24 -5.26 -11.51
N PRO B 120 33.75 -4.11 -12.01
CA PRO B 120 34.62 -3.13 -12.65
C PRO B 120 35.16 -2.01 -11.74
N THR B 121 35.56 -2.35 -10.52
CA THR B 121 36.22 -1.38 -9.61
C THR B 121 35.43 -0.08 -9.47
N LEU B 122 34.64 -0.01 -8.40
CA LEU B 122 33.79 1.13 -8.16
C LEU B 122 34.63 2.38 -7.83
N PRO B 123 34.11 3.58 -8.19
CA PRO B 123 34.87 4.82 -8.22
C PRO B 123 35.48 5.17 -6.87
N THR B 124 36.40 6.12 -6.90
CA THR B 124 37.34 6.33 -5.80
C THR B 124 36.87 7.29 -4.71
N LEU B 125 36.27 8.41 -5.12
CA LEU B 125 35.64 9.34 -4.18
C LEU B 125 36.51 10.55 -3.97
N PRO B 126 36.09 11.71 -4.50
CA PRO B 126 36.92 12.90 -4.46
C PRO B 126 37.16 13.39 -3.03
N GLU B 127 38.00 14.41 -2.91
CA GLU B 127 38.43 14.87 -1.61
C GLU B 127 37.35 15.69 -0.93
N GLU B 128 37.19 15.48 0.37
CA GLU B 128 36.18 16.20 1.16
C GLU B 128 36.05 17.70 0.83
N THR B 129 34.81 18.19 0.74
CA THR B 129 34.55 19.58 0.38
C THR B 129 33.82 20.31 1.49
N GLY B 130 33.20 19.58 2.39
CA GLY B 130 32.57 20.21 3.53
C GLY B 130 31.67 19.23 4.21
N LEU B 131 30.98 19.66 5.25
CA LEU B 131 30.07 18.79 5.98
C LEU B 131 28.94 19.57 6.66
N LEU B 132 27.82 18.91 6.90
CA LEU B 132 26.68 19.51 7.60
C LEU B 132 25.83 18.44 8.25
N PRO B 133 25.07 18.81 9.29
CA PRO B 133 24.26 17.85 10.06
C PRO B 133 23.37 17.04 9.14
N ALA B 134 23.19 15.76 9.46
CA ALA B 134 22.50 14.83 8.58
C ALA B 134 21.00 15.10 8.46
N GLU B 135 20.37 15.38 9.60
CA GLU B 135 18.93 15.66 9.69
C GLU B 135 18.54 16.97 8.97
N LEU B 136 19.48 17.91 8.90
CA LEU B 136 19.24 19.17 8.25
C LEU B 136 19.40 19.00 6.74
N PHE B 137 20.30 18.11 6.36
CA PHE B 137 20.55 17.83 4.96
C PHE B 137 19.38 17.07 4.37
N ALA B 138 18.78 16.20 5.17
CA ALA B 138 17.61 15.44 4.74
C ALA B 138 16.43 16.39 4.52
N GLU B 139 16.04 17.12 5.57
CA GLU B 139 15.01 18.15 5.45
C GLU B 139 15.22 19.03 4.20
N ALA B 140 16.42 19.58 4.04
CA ALA B 140 16.69 20.46 2.93
C ALA B 140 16.59 19.76 1.57
N ILE B 141 16.82 18.47 1.51
CA ILE B 141 16.81 17.83 0.21
C ILE B 141 15.37 17.49 -0.19
N SER B 142 14.54 17.18 0.80
CA SER B 142 13.15 16.86 0.51
C SER B 142 12.41 18.12 0.07
N GLN B 143 12.66 19.22 0.76
CA GLN B 143 12.06 20.50 0.42
C GLN B 143 12.30 20.90 -1.02
N VAL B 144 13.50 20.64 -1.52
CA VAL B 144 13.84 21.09 -2.86
C VAL B 144 13.55 20.05 -3.92
N ALA B 145 13.50 18.79 -3.53
CA ALA B 145 13.35 17.72 -4.52
C ALA B 145 11.94 17.60 -5.13
N ILE B 146 10.87 17.91 -4.38
CA ILE B 146 9.53 17.87 -4.97
C ILE B 146 9.46 18.60 -6.30
N ALA B 147 10.02 19.81 -6.35
CA ALA B 147 9.99 20.64 -7.56
C ALA B 147 10.85 20.16 -8.74
N ALA B 148 11.55 19.06 -8.59
CA ALA B 148 12.37 18.53 -9.67
C ALA B 148 11.54 17.74 -10.69
N GLY B 149 11.87 17.92 -11.96
CA GLY B 149 11.20 17.22 -13.05
C GLY B 149 11.47 15.73 -13.00
N ARG B 150 10.40 14.93 -12.94
CA ARG B 150 10.53 13.47 -12.87
C ARG B 150 10.63 12.81 -14.27
N ASP B 151 10.56 13.62 -15.31
CA ASP B 151 10.49 13.12 -16.69
C ASP B 151 11.88 12.97 -17.31
N ASP B 152 12.14 11.80 -17.88
CA ASP B 152 13.47 11.49 -18.43
C ASP B 152 13.71 11.94 -19.88
N THR B 153 12.64 12.21 -20.62
CA THR B 153 12.79 12.70 -21.99
C THR B 153 13.69 13.93 -21.98
N LEU B 154 13.72 14.61 -20.83
CA LEU B 154 14.58 15.78 -20.68
C LEU B 154 15.24 15.85 -19.30
N PRO B 155 16.56 15.60 -19.25
CA PRO B 155 17.34 15.93 -18.06
C PRO B 155 17.56 17.44 -17.96
N MET B 156 18.32 17.84 -16.95
CA MET B 156 18.46 19.24 -16.56
C MET B 156 17.41 19.57 -15.51
N LEU B 157 16.16 19.27 -15.85
CA LEU B 157 15.05 19.49 -14.94
C LEU B 157 15.06 18.40 -13.89
N THR B 158 15.77 17.32 -14.23
CA THR B 158 15.87 16.11 -13.40
C THR B 158 16.91 16.22 -12.27
N GLY B 159 17.73 17.27 -12.30
CA GLY B 159 18.72 17.50 -11.27
C GLY B 159 18.37 18.54 -10.21
N ILE B 160 19.02 18.41 -9.05
CA ILE B 160 19.09 19.48 -8.07
C ILE B 160 20.36 20.28 -8.29
N ARG B 161 20.25 21.60 -8.28
CA ARG B 161 21.40 22.48 -8.45
C ARG B 161 22.02 22.73 -7.08
N VAL B 162 23.25 22.28 -6.94
CA VAL B 162 24.00 22.54 -5.72
C VAL B 162 25.06 23.61 -6.00
N GLU B 163 24.90 24.75 -5.33
CA GLU B 163 25.78 25.89 -5.47
C GLU B 163 26.43 26.14 -4.13
N ILE B 164 27.76 26.12 -4.11
CA ILE B 164 28.52 26.43 -2.89
C ILE B 164 29.17 27.78 -3.01
N LEU B 165 28.90 28.61 -2.01
CA LEU B 165 29.53 29.91 -1.87
C LEU B 165 30.12 29.87 -0.48
N GLY B 166 31.22 29.13 -0.35
CA GLY B 166 31.83 28.79 0.92
C GLY B 166 31.12 29.30 2.15
N GLU B 167 30.71 28.39 3.03
CA GLU B 167 29.99 28.77 4.26
C GLU B 167 28.46 28.72 4.10
N THR B 168 27.96 29.20 2.96
CA THR B 168 26.57 28.97 2.60
C THR B 168 26.50 28.10 1.35
N VAL B 169 25.56 27.15 1.37
CA VAL B 169 25.20 26.38 0.17
C VAL B 169 23.74 26.70 -0.20
N VAL B 170 23.44 26.72 -1.49
CA VAL B 170 22.04 26.77 -1.92
C VAL B 170 21.63 25.67 -2.87
N LEU B 171 20.48 25.07 -2.54
CA LEU B 171 19.86 24.01 -3.30
C LEU B 171 18.69 24.57 -4.09
N ALA B 172 18.59 24.18 -5.35
CA ALA B 172 17.50 24.60 -6.21
C ALA B 172 17.06 23.50 -7.19
N ALA B 173 15.78 23.18 -7.22
CA ALA B 173 15.27 22.33 -8.30
C ALA B 173 14.00 22.90 -8.96
N THR B 174 13.81 22.54 -10.23
CA THR B 174 12.71 23.11 -11.00
C THR B 174 12.21 22.17 -12.11
N ASP B 175 10.89 22.03 -12.24
CA ASP B 175 10.27 21.24 -13.33
C ASP B 175 9.67 22.12 -14.42
N ARG B 176 9.90 23.43 -14.28
CA ARG B 176 9.43 24.46 -15.21
C ARG B 176 8.10 25.11 -14.76
N PHE B 177 7.50 24.62 -13.69
CA PHE B 177 6.22 25.13 -13.18
C PHE B 177 6.40 25.51 -11.71
N ARG B 178 7.38 24.88 -11.07
CA ARG B 178 7.72 25.18 -9.70
C ARG B 178 9.21 25.42 -9.62
N LEU B 179 9.62 26.28 -8.69
CA LEU B 179 11.00 26.43 -8.30
C LEU B 179 11.05 26.33 -6.78
N ALA B 180 11.87 25.41 -6.28
CA ALA B 180 12.11 25.34 -4.85
C ALA B 180 13.56 25.76 -4.63
N VAL B 181 13.77 26.69 -3.71
CA VAL B 181 15.13 27.09 -3.32
C VAL B 181 15.33 26.98 -1.81
N ARG B 182 16.42 26.32 -1.41
CA ARG B 182 16.81 26.19 -0.01
C ARG B 182 18.21 26.72 0.24
N GLU B 183 18.34 27.56 1.27
CA GLU B 183 19.60 28.20 1.64
C GLU B 183 20.11 27.60 2.95
N LEU B 184 21.42 27.39 3.01
CA LEU B 184 22.00 26.51 4.01
C LEU B 184 23.34 26.99 4.53
N LYS B 185 23.62 26.71 5.81
CA LYS B 185 24.95 26.97 6.37
C LYS B 185 25.71 25.69 6.77
N TRP B 186 26.82 25.42 6.07
CA TRP B 186 27.67 24.26 6.37
C TRP B 186 29.08 24.65 6.78
N SER B 187 29.84 23.69 7.31
CA SER B 187 31.26 23.87 7.64
C SER B 187 32.17 23.45 6.49
N ALA B 188 32.63 24.42 5.70
CA ALA B 188 33.43 24.14 4.50
C ALA B 188 34.86 23.69 4.83
N SER B 189 35.57 23.27 3.79
CA SER B 189 36.96 22.84 3.89
C SER B 189 37.81 23.67 2.93
N SER B 190 38.03 24.94 3.33
CA SER B 190 38.53 26.01 2.46
C SER B 190 37.40 27.03 2.44
N PRO B 191 37.45 28.02 3.35
CA PRO B 191 36.39 29.05 3.46
C PRO B 191 36.26 29.99 2.25
N ASP B 192 36.98 29.73 1.17
CA ASP B 192 36.85 30.52 -0.06
C ASP B 192 36.45 29.61 -1.20
N ILE B 193 35.64 28.60 -0.87
CA ILE B 193 35.21 27.59 -1.83
C ILE B 193 33.96 28.03 -2.60
N GLU B 194 33.93 27.76 -3.91
CA GLU B 194 33.00 28.48 -4.75
C GLU B 194 32.79 27.86 -6.12
N ALA B 195 31.90 26.87 -6.17
CA ALA B 195 31.46 26.27 -7.42
C ALA B 195 29.98 25.91 -7.38
N ALA B 196 29.48 25.40 -8.50
CA ALA B 196 28.13 24.92 -8.57
C ALA B 196 28.02 23.77 -9.56
N VAL B 197 27.34 22.72 -9.11
CA VAL B 197 27.16 21.48 -9.86
C VAL B 197 25.71 21.04 -9.89
N LEU B 198 25.41 20.15 -10.84
CA LEU B 198 24.07 19.60 -11.00
C LEU B 198 24.07 18.08 -10.82
N VAL B 199 23.47 17.61 -9.72
CA VAL B 199 23.37 16.18 -9.43
C VAL B 199 21.94 15.61 -9.64
N PRO B 200 21.84 14.46 -10.33
CA PRO B 200 20.57 13.73 -10.49
C PRO B 200 19.75 13.71 -9.20
N ALA B 201 18.45 13.98 -9.31
CA ALA B 201 17.66 14.33 -8.14
C ALA B 201 17.39 13.17 -7.17
N LYS B 202 17.07 12.00 -7.71
CA LYS B 202 16.76 10.84 -6.87
C LYS B 202 17.99 10.28 -6.17
N THR B 203 19.07 10.12 -6.93
CA THR B 203 20.34 9.70 -6.37
C THR B 203 20.70 10.44 -5.08
N LEU B 204 20.21 11.67 -4.96
CA LEU B 204 20.60 12.54 -3.86
C LEU B 204 19.60 12.42 -2.70
N ALA B 205 18.31 12.29 -3.05
CA ALA B 205 17.26 12.16 -2.06
C ALA B 205 17.35 10.83 -1.34
N GLU B 206 17.76 9.82 -2.11
CA GLU B 206 18.02 8.49 -1.59
C GLU B 206 19.11 8.49 -0.51
N ALA B 207 20.19 9.22 -0.78
CA ALA B 207 21.32 9.35 0.15
C ALA B 207 21.00 10.25 1.35
N ALA B 208 19.80 10.83 1.38
CA ALA B 208 19.38 11.68 2.48
C ALA B 208 18.72 10.85 3.59
N LYS B 209 18.83 9.53 3.48
CA LYS B 209 18.30 8.59 4.47
C LYS B 209 19.40 7.67 5.02
N ALA B 210 20.57 7.71 4.38
CA ALA B 210 21.82 7.15 4.91
C ALA B 210 22.48 8.22 5.78
N GLY B 211 21.65 9.22 6.08
CA GLY B 211 21.97 10.26 7.03
C GLY B 211 20.87 10.25 8.07
N ILE B 212 20.89 9.20 8.88
CA ILE B 212 20.11 9.13 10.09
C ILE B 212 21.16 8.95 11.19
N GLY B 213 22.04 7.97 10.96
CA GLY B 213 23.28 7.88 11.68
C GLY B 213 24.23 8.84 10.99
N GLY B 214 25.37 9.08 11.62
CA GLY B 214 26.34 10.04 11.11
C GLY B 214 26.13 11.39 11.76
N SER B 215 24.87 11.71 12.06
CA SER B 215 24.50 13.01 12.62
C SER B 215 25.43 14.11 12.10
N ASP B 216 25.84 13.96 10.84
CA ASP B 216 26.88 14.78 10.26
C ASP B 216 27.35 14.13 8.95
N VAL B 217 26.78 14.57 7.83
CA VAL B 217 27.09 13.99 6.52
C VAL B 217 28.07 14.86 5.75
N ARG B 218 28.82 14.27 4.83
CA ARG B 218 29.94 14.97 4.24
C ARG B 218 30.00 14.89 2.72
N LEU B 219 29.86 16.04 2.08
CA LEU B 219 29.94 16.15 0.62
C LEU B 219 31.40 16.17 0.16
N SER B 220 31.69 15.42 -0.90
CA SER B 220 33.05 15.31 -1.42
C SER B 220 33.05 15.61 -2.93
N LEU B 221 33.18 16.88 -3.33
CA LEU B 221 33.25 17.22 -4.77
C LEU B 221 34.69 17.39 -5.28
N GLY B 222 35.57 17.70 -4.35
CA GLY B 222 36.95 18.04 -4.64
C GLY B 222 37.29 19.23 -3.76
N THR B 223 38.48 19.80 -3.91
CA THR B 223 38.82 20.98 -3.12
C THR B 223 39.66 21.97 -3.92
N GLY B 224 39.46 23.27 -3.65
CA GLY B 224 40.19 24.34 -4.31
C GLY B 224 39.75 24.62 -5.74
N PRO B 225 40.71 24.57 -6.69
CA PRO B 225 40.53 24.78 -8.14
C PRO B 225 40.00 23.55 -8.89
N GLY B 226 39.85 22.43 -8.20
CA GLY B 226 39.33 21.22 -8.79
C GLY B 226 38.11 20.68 -8.05
N VAL B 227 37.13 21.55 -7.82
CA VAL B 227 35.85 21.15 -7.24
C VAL B 227 34.91 20.66 -8.35
N GLY B 228 34.90 21.38 -9.46
CA GLY B 228 34.19 20.94 -10.65
C GLY B 228 34.79 19.67 -11.23
N LYS B 229 36.04 19.75 -11.69
CA LYS B 229 36.78 18.59 -12.19
C LYS B 229 36.57 17.41 -11.23
N ASP B 230 36.88 16.19 -11.68
CA ASP B 230 36.45 15.00 -10.94
C ASP B 230 34.94 14.92 -11.08
N GLY B 231 34.46 14.41 -12.20
CA GLY B 231 33.04 14.50 -12.57
C GLY B 231 32.03 13.77 -11.70
N LEU B 232 32.10 13.97 -10.39
CA LEU B 232 31.18 13.31 -9.46
C LEU B 232 31.17 13.83 -8.02
N LEU B 233 30.07 13.53 -7.34
CA LEU B 233 29.81 13.95 -5.96
C LEU B 233 29.82 12.74 -5.02
N GLY B 234 30.20 12.95 -3.76
CA GLY B 234 30.32 11.86 -2.82
C GLY B 234 29.70 12.22 -1.49
N ILE B 235 28.63 11.51 -1.13
CA ILE B 235 28.03 11.65 0.18
C ILE B 235 28.53 10.53 1.10
N SER B 236 29.12 10.89 2.23
CA SER B 236 29.64 9.91 3.20
C SER B 236 29.03 10.23 4.57
N GLY B 237 29.30 9.39 5.56
CA GLY B 237 28.79 9.65 6.89
C GLY B 237 28.20 8.43 7.57
N ASN B 238 28.50 8.25 8.86
CA ASN B 238 28.16 7.02 9.57
C ASN B 238 29.00 5.90 8.97
N GLY B 239 28.35 4.80 8.61
CA GLY B 239 29.02 3.69 7.96
C GLY B 239 28.86 3.72 6.44
N LYS B 240 27.81 4.38 5.96
CA LYS B 240 27.50 4.38 4.53
C LYS B 240 28.31 5.43 3.75
N ARG B 241 28.39 5.25 2.43
CA ARG B 241 28.96 6.25 1.51
C ARG B 241 28.50 5.96 0.07
N SER B 242 28.30 7.01 -0.74
CA SER B 242 27.96 6.81 -2.15
C SER B 242 28.55 7.86 -3.07
N THR B 243 28.62 7.53 -4.35
CA THR B 243 28.98 8.50 -5.36
C THR B 243 27.95 8.51 -6.49
N THR B 244 27.67 9.71 -6.98
CA THR B 244 26.82 9.85 -8.16
C THR B 244 27.47 10.69 -9.23
N ARG B 245 27.44 10.19 -10.46
CA ARG B 245 28.05 10.90 -11.57
C ARG B 245 27.30 12.20 -11.87
N LEU B 246 28.01 13.33 -11.86
CA LEU B 246 27.37 14.60 -12.03
C LEU B 246 26.76 14.73 -13.42
N LEU B 247 25.80 15.67 -13.50
CA LEU B 247 24.97 15.93 -14.66
C LEU B 247 25.53 17.13 -15.40
N ASP B 248 25.79 16.95 -16.69
CA ASP B 248 26.46 17.98 -17.49
C ASP B 248 25.44 18.82 -18.23
N ALA B 249 24.77 19.70 -17.49
CA ALA B 249 23.74 20.54 -18.06
C ALA B 249 23.72 21.92 -17.40
N GLU B 250 23.22 22.89 -18.16
CA GLU B 250 23.05 24.24 -17.64
C GLU B 250 21.64 24.38 -17.08
N PHE B 251 21.52 25.10 -15.98
CA PHE B 251 20.33 25.15 -15.17
C PHE B 251 19.86 26.60 -15.06
N PRO B 252 18.58 26.85 -15.35
CA PRO B 252 17.90 28.15 -15.34
C PRO B 252 18.55 29.21 -14.44
N LYS B 253 18.65 30.43 -14.99
CA LYS B 253 19.42 31.49 -14.35
C LYS B 253 18.85 31.87 -12.97
N PHE B 254 17.52 31.83 -12.87
CA PHE B 254 16.80 31.53 -11.63
C PHE B 254 16.70 32.54 -10.47
N ARG B 255 17.72 33.34 -10.19
CA ARG B 255 17.54 34.42 -9.21
C ARG B 255 16.77 35.56 -9.88
N GLN B 256 16.86 35.58 -11.21
CA GLN B 256 16.13 36.52 -12.04
C GLN B 256 14.60 36.34 -11.87
N LEU B 257 14.17 35.11 -11.62
CA LEU B 257 12.76 34.79 -11.60
C LEU B 257 12.05 35.18 -10.31
N LEU B 258 12.77 35.60 -9.29
CA LEU B 258 12.11 35.94 -8.03
C LEU B 258 11.54 37.38 -8.00
N PRO B 259 10.40 37.56 -7.31
CA PRO B 259 9.84 38.88 -7.04
C PRO B 259 10.66 39.76 -6.07
N THR B 260 10.82 41.00 -6.48
CA THR B 260 11.43 42.05 -5.68
C THR B 260 10.40 42.64 -4.70
N GLU B 261 9.19 42.80 -5.19
CA GLU B 261 8.09 43.35 -4.41
C GLU B 261 6.82 42.66 -4.89
N HIS B 262 5.81 42.64 -4.02
CA HIS B 262 4.53 42.02 -4.33
C HIS B 262 3.41 43.05 -4.25
N THR B 263 2.52 43.04 -5.23
CA THR B 263 1.31 43.89 -5.18
C THR B 263 0.29 43.42 -4.12
N ALA B 264 0.25 42.12 -3.84
CA ALA B 264 -0.59 41.59 -2.78
C ALA B 264 0.14 40.55 -1.94
N VAL B 265 -0.32 40.36 -0.71
CA VAL B 265 0.33 39.43 0.20
C VAL B 265 -0.65 38.84 1.19
N ALA B 266 -0.76 37.51 1.19
CA ALA B 266 -1.72 36.82 2.06
C ALA B 266 -1.03 35.92 3.06
N THR B 267 -1.76 35.48 4.08
CA THR B 267 -1.16 34.68 5.16
C THR B 267 -2.18 33.81 5.93
N MET B 268 -2.40 32.57 5.49
CA MET B 268 -3.37 31.69 6.16
C MET B 268 -2.70 30.46 6.72
N ASP B 269 -3.47 29.64 7.44
CA ASP B 269 -2.92 28.43 8.06
C ASP B 269 -2.69 27.32 7.03
N VAL B 270 -1.50 26.70 7.08
CA VAL B 270 -1.16 25.65 6.13
C VAL B 270 -2.10 24.45 6.25
N ALA B 271 -2.24 23.92 7.46
CA ALA B 271 -3.13 22.79 7.74
C ALA B 271 -4.51 22.93 7.07
N GLU B 272 -5.25 23.97 7.47
CA GLU B 272 -6.58 24.24 6.95
C GLU B 272 -6.58 24.32 5.43
N LEU B 273 -5.55 24.96 4.87
CA LEU B 273 -5.51 25.24 3.44
C LEU B 273 -5.33 23.97 2.63
N ILE B 274 -4.54 23.04 3.16
CA ILE B 274 -4.33 21.76 2.50
C ILE B 274 -5.62 20.95 2.45
N GLU B 275 -6.21 20.68 3.62
CA GLU B 275 -7.51 20.01 3.69
C GLU B 275 -8.51 20.63 2.72
N ALA B 276 -8.65 21.94 2.77
CA ALA B 276 -9.56 22.65 1.87
C ALA B 276 -9.27 22.39 0.39
N ILE B 277 -7.99 22.23 0.05
CA ILE B 277 -7.65 21.99 -1.35
C ILE B 277 -8.01 20.55 -1.74
N LYS B 278 -7.63 19.60 -0.90
CA LYS B 278 -7.87 18.18 -1.19
C LYS B 278 -9.37 17.93 -1.34
N LEU B 279 -10.17 18.77 -0.69
CA LEU B 279 -11.63 18.60 -0.69
C LEU B 279 -12.29 19.21 -1.93
N VAL B 280 -11.93 20.44 -2.31
CA VAL B 280 -12.65 21.05 -3.43
C VAL B 280 -12.17 20.47 -4.74
N ALA B 281 -11.07 19.74 -4.72
CA ALA B 281 -10.51 19.23 -5.97
C ALA B 281 -11.11 17.88 -6.32
N LEU B 282 -11.96 17.35 -5.44
CA LEU B 282 -12.60 16.05 -5.70
C LEU B 282 -13.45 16.14 -6.95
N VAL B 283 -13.98 17.33 -7.18
CA VAL B 283 -14.84 17.61 -8.31
C VAL B 283 -14.04 18.36 -9.38
N ALA B 284 -12.71 18.24 -9.29
CA ALA B 284 -11.78 19.19 -9.89
C ALA B 284 -11.86 19.41 -11.41
N ASP B 285 -12.12 18.34 -12.16
CA ASP B 285 -12.15 18.37 -13.62
C ASP B 285 -10.88 17.68 -14.10
N ARG B 286 -10.81 16.37 -13.85
CA ARG B 286 -9.63 15.56 -14.13
C ARG B 286 -8.45 16.02 -13.27
N GLY B 287 -8.77 16.82 -12.24
CA GLY B 287 -7.78 17.35 -11.30
C GLY B 287 -7.06 18.64 -11.72
N ALA B 288 -7.45 19.18 -12.88
CA ALA B 288 -6.71 20.23 -13.55
C ALA B 288 -6.41 21.50 -12.74
N GLN B 289 -7.39 21.99 -11.99
CA GLN B 289 -7.33 23.34 -11.44
C GLN B 289 -8.17 23.61 -10.19
N VAL B 290 -7.63 24.41 -9.27
CA VAL B 290 -8.38 24.99 -8.15
C VAL B 290 -8.23 26.52 -8.27
N ARG B 291 -9.25 27.30 -7.89
CA ARG B 291 -9.12 28.78 -8.00
C ARG B 291 -9.30 29.50 -6.66
N MET B 292 -8.55 30.59 -6.44
CA MET B 292 -8.63 31.31 -5.20
C MET B 292 -9.10 32.77 -5.42
N GLU B 293 -10.27 33.11 -4.86
CA GLU B 293 -10.78 34.48 -4.82
C GLU B 293 -10.32 35.11 -3.52
N PHE B 294 -9.48 36.13 -3.64
CA PHE B 294 -8.93 36.83 -2.49
C PHE B 294 -9.62 38.17 -2.31
N ALA B 295 -10.18 38.37 -1.14
CA ALA B 295 -10.87 39.61 -0.83
C ALA B 295 -10.80 39.87 0.68
N ASP B 296 -10.75 41.15 1.06
CA ASP B 296 -10.71 41.57 2.46
C ASP B 296 -9.91 40.65 3.41
N GLY B 297 -10.62 39.93 4.28
CA GLY B 297 -10.00 38.97 5.16
C GLY B 297 -10.56 37.58 4.95
N SER B 298 -10.83 37.22 3.70
CA SER B 298 -11.31 35.87 3.38
C SER B 298 -10.96 35.44 1.95
N VAL B 299 -10.72 34.13 1.81
CA VAL B 299 -10.47 33.55 0.50
C VAL B 299 -11.45 32.39 0.27
N ARG B 300 -11.95 32.31 -0.96
CA ARG B 300 -12.85 31.25 -1.36
C ARG B 300 -12.22 30.46 -2.50
N LEU B 301 -11.70 29.27 -2.17
CA LEU B 301 -11.26 28.36 -3.22
C LEU B 301 -12.44 27.56 -3.73
N SER B 302 -12.29 27.04 -4.95
CA SER B 302 -13.42 26.50 -5.69
C SER B 302 -13.00 25.85 -7.01
N ALA B 303 -13.20 24.53 -7.13
CA ALA B 303 -13.14 23.90 -8.46
C ALA B 303 -14.53 23.45 -8.93
N GLY B 304 -14.69 23.19 -10.22
CA GLY B 304 -15.98 22.91 -10.81
C GLY B 304 -15.76 22.50 -12.25
N ALA B 305 -16.75 21.87 -12.88
CA ALA B 305 -16.43 21.07 -14.07
C ALA B 305 -17.42 21.00 -15.26
N ASP B 306 -17.36 19.86 -15.98
CA ASP B 306 -18.13 19.55 -17.20
C ASP B 306 -19.54 18.98 -16.87
N ASP B 307 -19.65 18.31 -15.73
CA ASP B 307 -20.95 18.13 -15.08
C ASP B 307 -21.35 19.51 -14.52
N VAL B 308 -20.36 20.42 -14.50
CA VAL B 308 -20.23 21.50 -13.50
C VAL B 308 -20.37 20.94 -12.07
N GLY B 309 -19.35 20.18 -11.64
CA GLY B 309 -19.37 19.46 -10.37
C GLY B 309 -19.19 20.36 -9.17
N ARG B 310 -18.91 21.62 -9.45
CA ARG B 310 -18.82 22.72 -8.48
C ARG B 310 -18.78 22.37 -6.97
N ALA B 311 -17.64 22.70 -6.35
CA ALA B 311 -17.46 22.76 -4.90
C ALA B 311 -16.84 24.12 -4.55
N GLU B 312 -16.94 24.51 -3.28
CA GLU B 312 -16.28 25.74 -2.81
C GLU B 312 -16.16 25.74 -1.28
N GLU B 313 -15.10 26.35 -0.79
CA GLU B 313 -14.93 26.50 0.64
C GLU B 313 -14.39 27.90 0.94
N ASP B 314 -14.76 28.45 2.10
CA ASP B 314 -14.33 29.78 2.50
C ASP B 314 -13.52 29.68 3.77
N LEU B 315 -12.30 30.19 3.73
CA LEU B 315 -11.52 30.33 4.97
C LEU B 315 -10.89 31.71 5.12
N VAL B 316 -10.47 32.00 6.35
CA VAL B 316 -10.00 33.33 6.73
C VAL B 316 -8.52 33.54 6.41
N VAL B 317 -8.27 34.50 5.53
CA VAL B 317 -6.90 34.82 5.18
C VAL B 317 -6.53 36.21 5.72
N ASP B 318 -5.39 36.28 6.40
CA ASP B 318 -4.83 37.56 6.81
C ASP B 318 -4.25 38.28 5.58
N TYR B 319 -5.11 38.99 4.85
CA TYR B 319 -4.78 39.51 3.52
C TYR B 319 -4.43 41.01 3.53
N ALA B 320 -3.69 41.44 2.50
CA ALA B 320 -3.24 42.82 2.36
C ALA B 320 -2.96 43.18 0.90
N GLY B 321 -3.78 44.08 0.35
CA GLY B 321 -3.69 44.45 -1.05
C GLY B 321 -5.08 44.47 -1.66
N GLU B 322 -5.15 44.74 -2.96
CA GLU B 322 -6.42 44.78 -3.66
C GLU B 322 -6.85 43.38 -4.13
N PRO B 323 -8.10 42.99 -3.83
CA PRO B 323 -8.74 41.79 -4.32
C PRO B 323 -8.10 41.20 -5.57
N LEU B 324 -7.82 39.89 -5.49
CA LEU B 324 -7.12 39.17 -6.54
C LEU B 324 -7.73 37.78 -6.69
N THR B 325 -7.83 37.32 -7.95
CA THR B 325 -8.30 35.98 -8.26
C THR B 325 -7.30 35.17 -9.12
N ILE B 326 -6.72 34.13 -8.51
CA ILE B 326 -5.68 33.30 -9.15
C ILE B 326 -5.94 31.76 -9.13
N ALA B 327 -5.50 31.07 -10.19
CA ALA B 327 -5.71 29.62 -10.32
C ALA B 327 -4.42 28.76 -10.35
N PHE B 328 -4.38 27.73 -9.50
CA PHE B 328 -3.25 26.80 -9.42
C PHE B 328 -3.60 25.34 -9.73
N ASN B 329 -2.68 24.63 -10.35
CA ASN B 329 -2.73 23.18 -10.31
C ASN B 329 -2.69 22.72 -8.84
N PRO B 330 -3.69 21.93 -8.40
CA PRO B 330 -3.82 21.67 -6.95
C PRO B 330 -2.68 20.83 -6.34
N THR B 331 -1.98 20.07 -7.18
CA THR B 331 -0.92 19.22 -6.66
C THR B 331 0.34 20.04 -6.38
N TYR B 332 0.85 20.66 -7.44
CA TYR B 332 1.84 21.74 -7.31
C TYR B 332 1.60 22.61 -6.08
N LEU B 333 0.35 23.00 -5.86
CA LEU B 333 0.02 23.81 -4.69
C LEU B 333 0.30 23.11 -3.36
N THR B 334 -0.22 21.89 -3.18
CA THR B 334 -0.06 21.20 -1.91
C THR B 334 1.36 20.68 -1.74
N ASP B 335 2.03 20.36 -2.85
CA ASP B 335 3.45 19.99 -2.79
C ASP B 335 4.21 21.09 -2.13
N GLY B 336 4.19 22.28 -2.73
CA GLY B 336 4.76 23.47 -2.12
C GLY B 336 4.39 23.66 -0.66
N LEU B 337 3.09 23.58 -0.34
CA LEU B 337 2.58 23.75 1.03
C LEU B 337 3.08 22.72 2.07
N SER B 338 3.35 21.48 1.65
CA SER B 338 3.88 20.49 2.57
C SER B 338 5.29 20.83 2.98
N SER B 339 6.06 21.29 1.99
CA SER B 339 7.49 21.56 2.10
C SER B 339 7.87 22.70 3.03
N LEU B 340 6.99 23.68 3.17
CA LEU B 340 7.29 24.86 3.97
C LEU B 340 7.64 24.43 5.38
N ARG B 341 7.19 23.24 5.75
CA ARG B 341 7.59 22.64 7.00
C ARG B 341 7.26 23.60 8.13
N SER B 342 6.22 24.40 7.94
CA SER B 342 5.88 25.46 8.90
C SER B 342 4.42 25.42 9.34
N GLU B 343 4.14 26.25 10.34
CA GLU B 343 2.83 26.34 10.96
C GLU B 343 1.85 26.99 9.99
N ARG B 344 2.32 28.05 9.33
CA ARG B 344 1.49 28.91 8.46
C ARG B 344 2.25 29.36 7.21
N VAL B 345 1.55 29.86 6.20
CA VAL B 345 2.18 30.17 4.92
C VAL B 345 1.95 31.61 4.51
N SER B 346 2.83 32.12 3.64
CA SER B 346 2.70 33.47 3.13
C SER B 346 2.82 33.55 1.60
N PHE B 347 1.75 34.01 0.97
CA PHE B 347 1.72 34.14 -0.48
C PHE B 347 2.20 35.52 -0.94
N GLY B 348 2.80 35.55 -2.12
CA GLY B 348 3.28 36.80 -2.62
C GLY B 348 3.01 36.94 -4.10
N PHE B 349 1.91 37.61 -4.42
CA PHE B 349 1.49 37.72 -5.81
C PHE B 349 1.97 39.00 -6.41
N THR B 350 2.45 38.92 -7.64
CA THR B 350 2.57 40.11 -8.45
C THR B 350 1.17 40.19 -9.11
N THR B 351 1.06 40.00 -10.42
CA THR B 351 -0.30 39.88 -11.01
C THR B 351 -0.80 38.43 -10.90
N ALA B 352 -1.78 38.08 -11.72
CA ALA B 352 -2.40 36.76 -11.67
C ALA B 352 -1.98 35.84 -12.84
N GLY B 353 -1.04 36.31 -13.65
CA GLY B 353 -0.42 35.50 -14.71
C GLY B 353 1.06 35.31 -14.40
N LYS B 354 1.42 35.70 -13.19
CA LYS B 354 2.79 35.66 -12.74
C LYS B 354 2.89 34.94 -11.40
N PRO B 355 3.97 34.16 -11.26
CA PRO B 355 4.31 33.28 -10.15
C PRO B 355 3.95 33.82 -8.78
N ALA B 356 3.23 33.01 -8.02
CA ALA B 356 3.01 33.26 -6.62
C ALA B 356 4.27 32.86 -5.89
N LEU B 357 4.41 33.34 -4.66
CA LEU B 357 5.59 32.99 -3.92
C LEU B 357 5.21 32.53 -2.54
N LEU B 358 5.44 31.25 -2.29
CA LEU B 358 5.15 30.68 -0.98
C LEU B 358 6.42 30.69 -0.15
N ARG B 359 6.28 31.09 1.10
CA ARG B 359 7.36 30.95 2.06
C ARG B 359 6.77 30.82 3.44
N PRO B 360 7.57 30.32 4.39
CA PRO B 360 7.07 29.96 5.73
C PRO B 360 6.86 31.16 6.67
N VAL B 361 6.08 30.94 7.72
CA VAL B 361 5.77 31.98 8.70
C VAL B 361 5.62 31.37 10.11
N SER B 362 6.52 31.78 11.00
CA SER B 362 6.54 31.32 12.39
C SER B 362 6.61 32.51 13.36
N GLY B 363 5.50 32.83 14.01
CA GLY B 363 5.41 34.03 14.84
C GLY B 363 5.15 35.28 13.99
N ASP B 364 4.44 36.25 14.56
CA ASP B 364 4.08 37.47 13.84
C ASP B 364 5.28 38.39 13.56
N ASP B 365 6.21 37.91 12.71
CA ASP B 365 7.36 38.71 12.28
C ASP B 365 6.87 39.91 11.48
N ARG B 366 6.32 39.60 10.30
CA ARG B 366 5.69 40.59 9.43
C ARG B 366 4.53 39.84 8.76
N PRO B 367 3.29 40.12 9.14
CA PRO B 367 2.25 39.37 8.44
C PRO B 367 1.14 40.29 7.97
N VAL B 368 1.39 41.00 6.87
CA VAL B 368 0.53 42.12 6.47
C VAL B 368 0.92 43.36 7.28
N ALA B 369 0.78 43.26 8.60
CA ALA B 369 1.17 44.34 9.52
C ALA B 369 0.44 45.67 9.23
N GLY B 370 -0.80 45.57 8.73
CA GLY B 370 -1.64 46.73 8.51
C GLY B 370 -1.58 47.33 7.10
N LEU B 371 -1.91 48.61 7.00
CA LEU B 371 -1.79 49.35 5.74
C LEU B 371 -0.34 49.77 5.50
N ASN B 372 0.49 48.81 5.11
CA ASN B 372 1.90 49.08 4.81
C ASN B 372 2.13 50.24 3.81
N GLY B 373 1.35 50.33 2.74
CA GLY B 373 0.26 49.40 2.45
C GLY B 373 -0.43 49.67 1.13
N ASN B 374 -1.02 48.63 0.56
CA ASN B 374 -1.71 48.69 -0.74
C ASN B 374 -0.76 48.67 -1.97
N GLY B 375 -0.07 49.78 -2.21
CA GLY B 375 1.09 49.81 -3.08
C GLY B 375 2.13 48.80 -2.61
N PRO B 376 3.05 48.42 -3.51
CA PRO B 376 4.07 47.37 -3.39
C PRO B 376 4.57 47.04 -1.96
N PHE B 377 4.70 45.74 -1.66
CA PHE B 377 5.27 45.26 -0.41
C PHE B 377 6.68 44.70 -0.62
N PRO B 378 7.48 44.60 0.47
CA PRO B 378 8.87 44.17 0.33
C PRO B 378 8.96 42.68 0.07
N ALA B 379 10.00 42.22 -0.62
CA ALA B 379 10.21 40.79 -0.84
C ALA B 379 10.40 40.02 0.47
N VAL B 380 11.26 40.54 1.34
CA VAL B 380 11.62 39.93 2.64
C VAL B 380 12.39 38.59 2.58
N SER B 381 13.60 38.61 3.13
CA SER B 381 14.49 37.46 3.13
C SER B 381 13.82 36.21 3.64
N THR B 382 14.27 35.07 3.14
CA THR B 382 13.81 33.76 3.60
C THR B 382 14.77 32.67 3.12
N ASP B 383 14.90 31.60 3.91
CA ASP B 383 15.84 30.51 3.60
C ASP B 383 15.24 29.39 2.74
N TYR B 384 13.91 29.30 2.75
CA TYR B 384 13.19 28.41 1.83
C TYR B 384 12.12 29.16 1.03
N VAL B 385 12.19 29.05 -0.28
CA VAL B 385 11.17 29.67 -1.13
C VAL B 385 10.58 28.67 -2.14
N TYR B 386 9.26 28.70 -2.34
CA TYR B 386 8.58 27.91 -3.37
C TYR B 386 7.87 28.86 -4.34
N LEU B 387 8.25 28.82 -5.61
CA LEU B 387 7.70 29.72 -6.61
C LEU B 387 6.78 28.94 -7.52
N LEU B 388 5.48 29.23 -7.48
CA LEU B 388 4.49 28.43 -8.20
C LEU B 388 3.77 29.18 -9.34
N MET B 389 4.02 28.76 -10.58
CA MET B 389 3.36 29.32 -11.75
C MET B 389 1.82 29.08 -11.68
N PRO B 390 1.01 30.07 -12.12
CA PRO B 390 -0.44 29.91 -12.14
C PRO B 390 -0.87 29.16 -13.40
N VAL B 391 -2.07 28.61 -13.40
CA VAL B 391 -2.47 27.62 -14.40
C VAL B 391 -3.58 28.09 -15.37
N ARG B 392 -3.62 27.45 -16.53
CA ARG B 392 -4.54 27.80 -17.63
C ARG B 392 -5.11 26.57 -18.38
N LEU B 393 -6.42 26.53 -18.58
CA LEU B 393 -7.08 25.39 -19.27
C LEU B 393 -7.93 25.85 -20.50
N PRO B 394 -8.03 24.98 -21.54
CA PRO B 394 -8.40 25.31 -22.95
C PRO B 394 -9.86 25.36 -23.59
N GLY B 395 -10.99 25.47 -22.87
CA GLY B 395 -12.26 25.72 -23.55
C GLY B 395 -13.48 24.80 -23.41
#